data_1EVP
# 
_entry.id   1EVP 
# 
_audit_conform.dict_name       mmcif_pdbx.dic 
_audit_conform.dict_version    5.385 
_audit_conform.dict_location   http://mmcif.pdb.org/dictionaries/ascii/mmcif_pdbx.dic 
# 
loop_
_database_2.database_id 
_database_2.database_code 
_database_2.pdbx_database_accession 
_database_2.pdbx_DOI 
PDB   1EVP         pdb_00001evp 10.2210/pdb1evp/pdb 
NDB   AH0011       ?            ?                   
RCSB  RCSB010934   ?            ?                   
WWPDB D_1000010934 ?            ?                   
# 
loop_
_pdbx_audit_revision_history.ordinal 
_pdbx_audit_revision_history.data_content_type 
_pdbx_audit_revision_history.major_revision 
_pdbx_audit_revision_history.minor_revision 
_pdbx_audit_revision_history.revision_date 
1 'Structure model' 1 0 2000-05-01 
2 'Structure model' 1 1 2008-04-27 
3 'Structure model' 1 2 2011-07-13 
4 'Structure model' 1 3 2017-10-04 
5 'Structure model' 1 4 2024-02-07 
# 
_pdbx_audit_revision_details.ordinal             1 
_pdbx_audit_revision_details.revision_ordinal    1 
_pdbx_audit_revision_details.data_content_type   'Structure model' 
_pdbx_audit_revision_details.provider            repository 
_pdbx_audit_revision_details.type                'Initial release' 
_pdbx_audit_revision_details.description         ? 
_pdbx_audit_revision_details.details             ? 
# 
loop_
_pdbx_audit_revision_group.ordinal 
_pdbx_audit_revision_group.revision_ordinal 
_pdbx_audit_revision_group.data_content_type 
_pdbx_audit_revision_group.group 
1 2 'Structure model' 'Version format compliance' 
2 3 'Structure model' 'Version format compliance' 
3 4 'Structure model' 'Refinement description'    
4 5 'Structure model' 'Data collection'           
5 5 'Structure model' 'Database references'       
# 
loop_
_pdbx_audit_revision_category.ordinal 
_pdbx_audit_revision_category.revision_ordinal 
_pdbx_audit_revision_category.data_content_type 
_pdbx_audit_revision_category.category 
1 4 'Structure model' software       
2 5 'Structure model' chem_comp_atom 
3 5 'Structure model' chem_comp_bond 
4 5 'Structure model' database_2     
# 
loop_
_pdbx_audit_revision_item.ordinal 
_pdbx_audit_revision_item.revision_ordinal 
_pdbx_audit_revision_item.data_content_type 
_pdbx_audit_revision_item.item 
1 5 'Structure model' '_database_2.pdbx_DOI'                
2 5 'Structure model' '_database_2.pdbx_database_accession' 
# 
_pdbx_database_status.status_code                     REL 
_pdbx_database_status.entry_id                        1EVP 
_pdbx_database_status.recvd_initial_deposition_date   2000-04-20 
_pdbx_database_status.deposit_site                    RCSB 
_pdbx_database_status.process_site                    RCSB 
_pdbx_database_status.SG_entry                        . 
_pdbx_database_status.status_code_sf                  ? 
_pdbx_database_status.status_code_mr                  ? 
_pdbx_database_status.pdb_format_compatible           Y 
_pdbx_database_status.status_code_cs                  ? 
_pdbx_database_status.methods_development_category    ? 
_pdbx_database_status.status_code_nmr_data            ? 
# 
loop_
_audit_author.name 
_audit_author.pdbx_ordinal 
'Wahl, M.C.'        1 
'Sundaralingam, M.' 2 
# 
_citation.id                        primary 
_citation.title                     
;B-form to A-form conversion by a 3'-terminal ribose: crystal structure of the chimera d(CCACTAGTG)r(G).
;
_citation.journal_abbrev            'Nucleic Acids Res.' 
_citation.journal_volume            28 
_citation.page_first                4356 
_citation.page_last                 4363 
_citation.year                      2000 
_citation.journal_id_ASTM           NARHAD 
_citation.country                   UK 
_citation.journal_id_ISSN           0305-1048 
_citation.journal_id_CSD            0389 
_citation.book_publisher            ? 
_citation.pdbx_database_id_PubMed   11058136 
_citation.pdbx_database_id_DOI      10.1093/nar/28.21.4356 
# 
loop_
_citation_author.citation_id 
_citation_author.name 
_citation_author.ordinal 
_citation_author.identifier_ORCID 
primary 'Wahl, M.C.'        1 ? 
primary 'Sundaralingam, M.' 2 ? 
# 
loop_
_entity.id 
_entity.type 
_entity.src_method 
_entity.pdbx_description 
_entity.formula_weight 
_entity.pdbx_number_of_molecules 
_entity.pdbx_ec 
_entity.pdbx_mutation 
_entity.pdbx_fragment 
_entity.details 
1 polymer syn 
;DNA/RNA (5'-D(*CP*CP*AP*CP*TP*AP*GP*TP*GP)-R(*G)-3')
;
3061.005 2  ? ? ? ? 
2 water   nat water                                                  18.015   77 ? ? ? ? 
# 
_entity_poly.entity_id                      1 
_entity_poly.type                           'polydeoxyribonucleotide/polyribonucleotide hybrid' 
_entity_poly.nstd_linkage                   no 
_entity_poly.nstd_monomer                   no 
_entity_poly.pdbx_seq_one_letter_code       '(DC)(DC)(DA)(DC)(DT)(DA)(DG)(DT)(DG)G' 
_entity_poly.pdbx_seq_one_letter_code_can   CCACTAGTGG 
_entity_poly.pdbx_strand_id                 Q,R 
_entity_poly.pdbx_target_identifier         ? 
# 
_pdbx_entity_nonpoly.entity_id   2 
_pdbx_entity_nonpoly.name        water 
_pdbx_entity_nonpoly.comp_id     HOH 
# 
loop_
_entity_poly_seq.entity_id 
_entity_poly_seq.num 
_entity_poly_seq.mon_id 
_entity_poly_seq.hetero 
1 1  DC n 
1 2  DC n 
1 3  DA n 
1 4  DC n 
1 5  DT n 
1 6  DA n 
1 7  DG n 
1 8  DT n 
1 9  DG n 
1 10 G  n 
# 
loop_
_chem_comp.id 
_chem_comp.type 
_chem_comp.mon_nstd_flag 
_chem_comp.name 
_chem_comp.pdbx_synonyms 
_chem_comp.formula 
_chem_comp.formula_weight 
DA  'DNA linking' y "2'-DEOXYADENOSINE-5'-MONOPHOSPHATE" ? 'C10 H14 N5 O6 P' 331.222 
DC  'DNA linking' y "2'-DEOXYCYTIDINE-5'-MONOPHOSPHATE"  ? 'C9 H14 N3 O7 P'  307.197 
DG  'DNA linking' y "2'-DEOXYGUANOSINE-5'-MONOPHOSPHATE" ? 'C10 H14 N5 O7 P' 347.221 
DT  'DNA linking' y "THYMIDINE-5'-MONOPHOSPHATE"         ? 'C10 H15 N2 O8 P' 322.208 
G   'RNA linking' y "GUANOSINE-5'-MONOPHOSPHATE"         ? 'C10 H14 N5 O8 P' 363.221 
HOH non-polymer   . WATER                                ? 'H2 O'            18.015  
# 
loop_
_pdbx_poly_seq_scheme.asym_id 
_pdbx_poly_seq_scheme.entity_id 
_pdbx_poly_seq_scheme.seq_id 
_pdbx_poly_seq_scheme.mon_id 
_pdbx_poly_seq_scheme.ndb_seq_num 
_pdbx_poly_seq_scheme.pdb_seq_num 
_pdbx_poly_seq_scheme.auth_seq_num 
_pdbx_poly_seq_scheme.pdb_mon_id 
_pdbx_poly_seq_scheme.auth_mon_id 
_pdbx_poly_seq_scheme.pdb_strand_id 
_pdbx_poly_seq_scheme.pdb_ins_code 
_pdbx_poly_seq_scheme.hetero 
A 1 1  DC 1  1  1  DC C Q . n 
A 1 2  DC 2  2  2  DC C Q . n 
A 1 3  DA 3  3  3  DA A Q . n 
A 1 4  DC 4  4  4  DC C Q . n 
A 1 5  DT 5  5  5  DT T Q . n 
A 1 6  DA 6  6  6  DA A Q . n 
A 1 7  DG 7  7  7  DG G Q . n 
A 1 8  DT 8  8  8  DT T Q . n 
A 1 9  DG 9  9  9  DG G Q . n 
A 1 10 G  10 10 10 G  G Q . n 
B 1 1  DC 1  11 11 DC C R . n 
B 1 2  DC 2  12 12 DC C R . n 
B 1 3  DA 3  13 13 DA A R . n 
B 1 4  DC 4  14 14 DC C R . n 
B 1 5  DT 5  15 15 DT T R . n 
B 1 6  DA 6  16 16 DA A R . n 
B 1 7  DG 7  17 17 DG G R . n 
B 1 8  DT 8  18 18 DT T R . n 
B 1 9  DG 9  19 19 DG G R . n 
B 1 10 G  10 20 20 G  G R . n 
# 
loop_
_pdbx_nonpoly_scheme.asym_id 
_pdbx_nonpoly_scheme.entity_id 
_pdbx_nonpoly_scheme.mon_id 
_pdbx_nonpoly_scheme.ndb_seq_num 
_pdbx_nonpoly_scheme.pdb_seq_num 
_pdbx_nonpoly_scheme.auth_seq_num 
_pdbx_nonpoly_scheme.pdb_mon_id 
_pdbx_nonpoly_scheme.auth_mon_id 
_pdbx_nonpoly_scheme.pdb_strand_id 
_pdbx_nonpoly_scheme.pdb_ins_code 
C 2 HOH 1  102 102 HOH HOH Q . 
C 2 HOH 2  103 103 HOH HOH Q . 
C 2 HOH 3  104 104 HOH HOH Q . 
C 2 HOH 4  109 109 HOH HOH Q . 
C 2 HOH 5  110 110 HOH HOH Q . 
C 2 HOH 6  115 115 HOH HOH Q . 
C 2 HOH 7  117 117 HOH HOH Q . 
C 2 HOH 8  118 118 HOH HOH Q . 
C 2 HOH 9  119 119 HOH HOH Q . 
C 2 HOH 10 120 120 HOH HOH Q . 
C 2 HOH 11 121 121 HOH HOH Q . 
C 2 HOH 12 122 122 HOH HOH Q . 
C 2 HOH 13 123 123 HOH HOH Q . 
C 2 HOH 14 128 128 HOH HOH Q . 
C 2 HOH 15 129 129 HOH HOH Q . 
C 2 HOH 16 130 130 HOH HOH Q . 
C 2 HOH 17 133 133 HOH HOH Q . 
C 2 HOH 18 134 134 HOH HOH Q . 
C 2 HOH 19 135 135 HOH HOH Q . 
C 2 HOH 20 139 139 HOH HOH Q . 
C 2 HOH 21 141 141 HOH HOH Q . 
C 2 HOH 22 143 143 HOH HOH Q . 
C 2 HOH 23 144 144 HOH HOH Q . 
C 2 HOH 24 146 146 HOH HOH Q . 
C 2 HOH 25 147 147 HOH HOH Q . 
C 2 HOH 26 149 149 HOH HOH Q . 
C 2 HOH 27 150 150 HOH HOH Q . 
C 2 HOH 28 151 151 HOH HOH Q . 
C 2 HOH 29 157 157 HOH HOH Q . 
C 2 HOH 30 163 163 HOH HOH Q . 
C 2 HOH 31 164 164 HOH HOH Q . 
C 2 HOH 32 165 165 HOH HOH Q . 
C 2 HOH 33 168 168 HOH HOH Q . 
C 2 HOH 34 171 171 HOH HOH Q . 
C 2 HOH 35 175 175 HOH HOH Q . 
C 2 HOH 36 176 176 HOH HOH Q . 
D 2 HOH 1  101 101 HOH HOH R . 
D 2 HOH 2  105 105 HOH HOH R . 
D 2 HOH 3  106 106 HOH HOH R . 
D 2 HOH 4  107 107 HOH HOH R . 
D 2 HOH 5  108 108 HOH HOH R . 
D 2 HOH 6  111 111 HOH HOH R . 
D 2 HOH 7  112 112 HOH HOH R . 
D 2 HOH 8  113 113 HOH HOH R . 
D 2 HOH 9  114 114 HOH HOH R . 
D 2 HOH 10 116 116 HOH HOH R . 
D 2 HOH 11 124 124 HOH HOH R . 
D 2 HOH 12 125 125 HOH HOH R . 
D 2 HOH 13 126 126 HOH HOH R . 
D 2 HOH 14 127 127 HOH HOH R . 
D 2 HOH 15 131 131 HOH HOH R . 
D 2 HOH 16 132 132 HOH HOH R . 
D 2 HOH 17 136 136 HOH HOH R . 
D 2 HOH 18 137 137 HOH HOH R . 
D 2 HOH 19 138 138 HOH HOH R . 
D 2 HOH 20 140 140 HOH HOH R . 
D 2 HOH 21 142 142 HOH HOH R . 
D 2 HOH 22 145 145 HOH HOH R . 
D 2 HOH 23 148 148 HOH HOH R . 
D 2 HOH 24 152 152 HOH HOH R . 
D 2 HOH 25 153 153 HOH HOH R . 
D 2 HOH 26 154 154 HOH HOH R . 
D 2 HOH 27 155 155 HOH HOH R . 
D 2 HOH 28 156 156 HOH HOH R . 
D 2 HOH 29 158 158 HOH HOH R . 
D 2 HOH 30 159 159 HOH HOH R . 
D 2 HOH 31 160 160 HOH HOH R . 
D 2 HOH 32 161 161 HOH HOH R . 
D 2 HOH 33 162 162 HOH HOH R . 
D 2 HOH 34 166 166 HOH HOH R . 
D 2 HOH 35 167 167 HOH HOH R . 
D 2 HOH 36 169 169 HOH HOH R . 
D 2 HOH 37 170 170 HOH HOH R . 
D 2 HOH 38 172 172 HOH HOH R . 
D 2 HOH 39 173 173 HOH HOH R . 
D 2 HOH 40 174 174 HOH HOH R . 
D 2 HOH 41 177 177 HOH HOH R . 
# 
loop_
_software.name 
_software.classification 
_software.version 
_software.citation_id 
_software.pdbx_ordinal 
X-GEN  'data scaling'   .     ? 1 
X-GEN  'data reduction' .     ? 2 
X-PLOR 'model building' .     ? 3 
X-PLOR refinement       3.851 ? 4 
X-PLOR phasing          .     ? 5 
# 
_cell.entry_id           1EVP 
_cell.length_a           23.90 
_cell.length_b           45.76 
_cell.length_c           49.27 
_cell.angle_alpha        90.0 
_cell.angle_beta         90.0 
_cell.angle_gamma        90.0 
_cell.Z_PDB              8 
_cell.pdbx_unique_axis   ? 
_cell.length_a_esd       ? 
_cell.length_b_esd       ? 
_cell.length_c_esd       ? 
_cell.angle_alpha_esd    ? 
_cell.angle_beta_esd     ? 
_cell.angle_gamma_esd    ? 
# 
_symmetry.entry_id                         1EVP 
_symmetry.space_group_name_H-M             'P 21 21 21' 
_symmetry.pdbx_full_space_group_name_H-M   ? 
_symmetry.cell_setting                     orthorhombic 
_symmetry.Int_Tables_number                19 
_symmetry.space_group_name_Hall            ? 
# 
_exptl.entry_id          1EVP 
_exptl.method            'X-RAY DIFFRACTION' 
_exptl.crystals_number   1 
# 
_exptl_crystal.id                    1 
_exptl_crystal.density_meas          ? 
_exptl_crystal.density_percent_sol   42.06 
_exptl_crystal.density_Matthews      2.12 
_exptl_crystal.description           ? 
_exptl_crystal.F_000                 ? 
_exptl_crystal.preparation           ? 
# 
_exptl_crystal_grow.crystal_id      1 
_exptl_crystal_grow.method          'VAPOR DIFFUSION, SITTING DROP' 
_exptl_crystal_grow.temp            298.0 
_exptl_crystal_grow.temp_details    ? 
_exptl_crystal_grow.pH              7.0 
_exptl_crystal_grow.pdbx_details    
'MGCL2, SPERMINE, MPD, SODIUM CACODYLATE, pH 7.0, VAPOR DIFFUSION, SITTING DROP, temperature 298.0K' 
_exptl_crystal_grow.pdbx_pH_range   ? 
# 
loop_
_exptl_crystal_grow_comp.crystal_id 
_exptl_crystal_grow_comp.id 
_exptl_crystal_grow_comp.sol_id 
_exptl_crystal_grow_comp.name 
_exptl_crystal_grow_comp.volume 
_exptl_crystal_grow_comp.conc 
_exptl_crystal_grow_comp.details 
1 1 1 MGCL2               ? ? ? 
1 2 1 SPERMINE            ? ? ? 
1 3 1 'SODIUM CACODYLATE' ? ? ? 
1 4 1 MPD                 ? ? ? 
1 5 2 MPD                 ? ? ? 
# 
_diffrn.id                     1 
_diffrn.ambient_temp           298.0 
_diffrn.ambient_temp_details   ? 
_diffrn.crystal_id             1 
# 
_diffrn_detector.diffrn_id              1 
_diffrn_detector.detector               'AREA DETECTOR' 
_diffrn_detector.type                   ? 
_diffrn_detector.pdbx_collection_date   1995-07-15 
_diffrn_detector.details                ? 
# 
_diffrn_radiation.diffrn_id                        1 
_diffrn_radiation.wavelength_id                    1 
_diffrn_radiation.pdbx_monochromatic_or_laue_m_l   M 
_diffrn_radiation.monochromator                    ? 
_diffrn_radiation.pdbx_diffrn_protocol             'SINGLE WAVELENGTH' 
_diffrn_radiation.pdbx_scattering_type             x-ray 
# 
_diffrn_radiation_wavelength.id           1 
_diffrn_radiation_wavelength.wavelength   1.5418 
_diffrn_radiation_wavelength.wt           1.0 
# 
_diffrn_source.diffrn_id                   1 
_diffrn_source.source                      'ROTATING ANODE' 
_diffrn_source.type                        ? 
_diffrn_source.pdbx_synchrotron_site       ? 
_diffrn_source.pdbx_synchrotron_beamline   ? 
_diffrn_source.pdbx_wavelength             1.5418 
_diffrn_source.pdbx_wavelength_list        ? 
# 
_reflns.entry_id                     1EVP 
_reflns.observed_criterion_sigma_I   ? 
_reflns.observed_criterion_sigma_F   ? 
_reflns.d_resolution_low             20.0 
_reflns.d_resolution_high            1.8 
_reflns.number_obs                   4634 
_reflns.number_all                   4634 
_reflns.percent_possible_obs         87.4 
_reflns.pdbx_Rmerge_I_obs            0.031 
_reflns.pdbx_Rsym_value              ? 
_reflns.pdbx_netI_over_sigmaI        ? 
_reflns.B_iso_Wilson_estimate        ? 
_reflns.pdbx_redundancy              ? 
_reflns.R_free_details               ? 
_reflns.pdbx_chi_squared             ? 
_reflns.pdbx_scaling_rejects         ? 
_reflns.pdbx_diffrn_id               1 
_reflns.pdbx_ordinal                 1 
# 
_reflns_shell.d_res_high             1.80 
_reflns_shell.d_res_low              1.90 
_reflns_shell.percent_possible_all   67.2 
_reflns_shell.Rmerge_I_obs           ? 
_reflns_shell.pdbx_Rsym_value        ? 
_reflns_shell.meanI_over_sigI_obs    ? 
_reflns_shell.pdbx_redundancy        ? 
_reflns_shell.percent_possible_obs   ? 
_reflns_shell.number_unique_all      ? 
_reflns_shell.number_measured_all    ? 
_reflns_shell.number_measured_obs    ? 
_reflns_shell.number_unique_obs      ? 
_reflns_shell.pdbx_chi_squared       ? 
_reflns_shell.pdbx_diffrn_id         ? 
_reflns_shell.pdbx_ordinal           1 
# 
_refine.entry_id                                 1EVP 
_refine.ls_number_reflns_obs                     ? 
_refine.ls_number_reflns_all                     4634 
_refine.pdbx_ls_sigma_I                          ? 
_refine.pdbx_ls_sigma_F                          2.0 
_refine.pdbx_data_cutoff_high_absF               ? 
_refine.pdbx_data_cutoff_low_absF                ? 
_refine.pdbx_data_cutoff_high_rms_absF           ? 
_refine.ls_d_res_low                             8.0 
_refine.ls_d_res_high                            1.8 
_refine.ls_percent_reflns_obs                    ? 
_refine.ls_R_factor_obs                          0.166 
_refine.ls_R_factor_all                          ? 
_refine.ls_R_factor_R_work                       0.166 
_refine.ls_R_factor_R_free                       0.228 
_refine.ls_R_factor_R_free_error                 ? 
_refine.ls_R_factor_R_free_error_details         ? 
_refine.ls_percent_reflns_R_free                 10 
_refine.ls_number_reflns_R_free                  464 
_refine.ls_number_parameters                     ? 
_refine.ls_number_restraints                     ? 
_refine.occupancy_min                            ? 
_refine.occupancy_max                            ? 
_refine.B_iso_mean                               ? 
_refine.aniso_B[1][1]                            ? 
_refine.aniso_B[2][2]                            ? 
_refine.aniso_B[3][3]                            ? 
_refine.aniso_B[1][2]                            ? 
_refine.aniso_B[1][3]                            ? 
_refine.aniso_B[2][3]                            ? 
_refine.solvent_model_details                    ? 
_refine.solvent_model_param_ksol                 ? 
_refine.solvent_model_param_bsol                 ? 
_refine.pdbx_ls_cross_valid_method               THROUGHOUT 
_refine.details                                  ? 
_refine.pdbx_starting_model                      ? 
_refine.pdbx_method_to_determine_struct          ? 
_refine.pdbx_isotropic_thermal_model             ? 
_refine.pdbx_stereochemistry_target_values       ? 
_refine.pdbx_stereochem_target_val_spec_case     ? 
_refine.pdbx_R_Free_selection_details            RANDOM 
_refine.pdbx_overall_ESU_R                       ? 
_refine.pdbx_overall_ESU_R_Free                  ? 
_refine.overall_SU_ML                            ? 
_refine.overall_SU_B                             ? 
_refine.ls_redundancy_reflns_obs                 ? 
_refine.correlation_coeff_Fo_to_Fc               ? 
_refine.correlation_coeff_Fo_to_Fc_free          ? 
_refine.overall_SU_R_Cruickshank_DPI             ? 
_refine.overall_SU_R_free                        ? 
_refine.pdbx_refine_id                           'X-RAY DIFFRACTION' 
_refine.pdbx_overall_phase_error                 ? 
_refine.pdbx_solvent_vdw_probe_radii             ? 
_refine.pdbx_solvent_ion_probe_radii             ? 
_refine.pdbx_solvent_shrinkage_radii             ? 
_refine.ls_wR_factor_R_free                      ? 
_refine.ls_wR_factor_R_work                      ? 
_refine.overall_FOM_free_R_set                   ? 
_refine.overall_FOM_work_R_set                   ? 
_refine.pdbx_diffrn_id                           1 
_refine.pdbx_TLS_residual_ADP_flag               ? 
_refine.pdbx_overall_SU_R_free_Cruickshank_DPI   ? 
_refine.pdbx_overall_SU_R_Blow_DPI               ? 
_refine.pdbx_overall_SU_R_free_Blow_DPI          ? 
# 
_refine_hist.pdbx_refine_id                   'X-RAY DIFFRACTION' 
_refine_hist.cycle_id                         LAST 
_refine_hist.pdbx_number_atoms_protein        0 
_refine_hist.pdbx_number_atoms_nucleic_acid   406 
_refine_hist.pdbx_number_atoms_ligand         0 
_refine_hist.number_atoms_solvent             77 
_refine_hist.number_atoms_total               483 
_refine_hist.d_res_high                       1.8 
_refine_hist.d_res_low                        8.0 
# 
loop_
_refine_ls_restr.type 
_refine_ls_restr.dev_ideal 
_refine_ls_restr.dev_ideal_target 
_refine_ls_restr.weight 
_refine_ls_restr.number 
_refine_ls_restr.pdbx_refine_id 
_refine_ls_restr.pdbx_restraint_function 
x_bond_d                0.013 ? ? ? 'X-RAY DIFFRACTION' ? 
x_bond_d_na             ?     ? ? ? 'X-RAY DIFFRACTION' ? 
x_bond_d_prot           ?     ? ? ? 'X-RAY DIFFRACTION' ? 
x_angle_d               ?     ? ? ? 'X-RAY DIFFRACTION' ? 
x_angle_d_na            ?     ? ? ? 'X-RAY DIFFRACTION' ? 
x_angle_d_prot          ?     ? ? ? 'X-RAY DIFFRACTION' ? 
x_angle_deg             2.5   ? ? ? 'X-RAY DIFFRACTION' ? 
x_angle_deg_na          ?     ? ? ? 'X-RAY DIFFRACTION' ? 
x_angle_deg_prot        ?     ? ? ? 'X-RAY DIFFRACTION' ? 
x_dihedral_angle_d      ?     ? ? ? 'X-RAY DIFFRACTION' ? 
x_dihedral_angle_d_na   ?     ? ? ? 'X-RAY DIFFRACTION' ? 
x_dihedral_angle_d_prot ?     ? ? ? 'X-RAY DIFFRACTION' ? 
x_improper_angle_d      ?     ? ? ? 'X-RAY DIFFRACTION' ? 
x_improper_angle_d_na   ?     ? ? ? 'X-RAY DIFFRACTION' ? 
x_improper_angle_d_prot ?     ? ? ? 'X-RAY DIFFRACTION' ? 
x_mcbond_it             ?     ? ? ? 'X-RAY DIFFRACTION' ? 
x_mcangle_it            ?     ? ? ? 'X-RAY DIFFRACTION' ? 
x_scbond_it             ?     ? ? ? 'X-RAY DIFFRACTION' ? 
x_scangle_it            ?     ? ? ? 'X-RAY DIFFRACTION' ? 
# 
_struct.entry_id                  1EVP 
_struct.title                     'CRYSTAL STRUCTURE OF THE CHIMERICAL DECAMER D(CCACTAGTG)R(G)' 
_struct.pdbx_model_details        ? 
_struct.pdbx_CASP_flag            ? 
_struct.pdbx_model_type_details   ? 
# 
_struct_keywords.entry_id        1EVP 
_struct_keywords.pdbx_keywords   'DNA-RNA HYBRID' 
_struct_keywords.text            
'A-DNA, B-DNA, DNA-RNA CHIMERA, NUCLEIC ACID STRUCTURE, STRUCTURAL CONVERSION, DNA-RNA COMPLEX, DNA-RNA HYBRID' 
# 
loop_
_struct_asym.id 
_struct_asym.pdbx_blank_PDB_chainid_flag 
_struct_asym.pdbx_modified 
_struct_asym.entity_id 
_struct_asym.details 
A N N 1 ? 
B N N 1 ? 
C N N 2 ? 
D N N 2 ? 
# 
_struct_ref.id                         1 
_struct_ref.entity_id                  1 
_struct_ref.db_name                    PDB 
_struct_ref.db_code                    1EVP 
_struct_ref.pdbx_db_accession          1EVP 
_struct_ref.pdbx_align_begin           ? 
_struct_ref.pdbx_seq_one_letter_code   ? 
_struct_ref.pdbx_db_isoform            ? 
# 
loop_
_struct_ref_seq.align_id 
_struct_ref_seq.ref_id 
_struct_ref_seq.pdbx_PDB_id_code 
_struct_ref_seq.pdbx_strand_id 
_struct_ref_seq.seq_align_beg 
_struct_ref_seq.pdbx_seq_align_beg_ins_code 
_struct_ref_seq.seq_align_end 
_struct_ref_seq.pdbx_seq_align_end_ins_code 
_struct_ref_seq.pdbx_db_accession 
_struct_ref_seq.db_align_beg 
_struct_ref_seq.pdbx_db_align_beg_ins_code 
_struct_ref_seq.db_align_end 
_struct_ref_seq.pdbx_db_align_end_ins_code 
_struct_ref_seq.pdbx_auth_seq_align_beg 
_struct_ref_seq.pdbx_auth_seq_align_end 
1 1 1EVP Q 1 ? 10 ? 1EVP 1  ? 10 ? 1  10 
2 1 1EVP R 1 ? 10 ? 1EVP 11 ? 20 ? 11 20 
# 
_pdbx_struct_assembly.id                   1 
_pdbx_struct_assembly.details              author_defined_assembly 
_pdbx_struct_assembly.method_details       ? 
_pdbx_struct_assembly.oligomeric_details   dimeric 
_pdbx_struct_assembly.oligomeric_count     2 
# 
_pdbx_struct_assembly_gen.assembly_id       1 
_pdbx_struct_assembly_gen.oper_expression   1 
_pdbx_struct_assembly_gen.asym_id_list      A,B,C,D 
# 
_pdbx_struct_oper_list.id                   1 
_pdbx_struct_oper_list.type                 'identity operation' 
_pdbx_struct_oper_list.name                 1_555 
_pdbx_struct_oper_list.symmetry_operation   x,y,z 
_pdbx_struct_oper_list.matrix[1][1]         1.0000000000 
_pdbx_struct_oper_list.matrix[1][2]         0.0000000000 
_pdbx_struct_oper_list.matrix[1][3]         0.0000000000 
_pdbx_struct_oper_list.vector[1]            0.0000000000 
_pdbx_struct_oper_list.matrix[2][1]         0.0000000000 
_pdbx_struct_oper_list.matrix[2][2]         1.0000000000 
_pdbx_struct_oper_list.matrix[2][3]         0.0000000000 
_pdbx_struct_oper_list.vector[2]            0.0000000000 
_pdbx_struct_oper_list.matrix[3][1]         0.0000000000 
_pdbx_struct_oper_list.matrix[3][2]         0.0000000000 
_pdbx_struct_oper_list.matrix[3][3]         1.0000000000 
_pdbx_struct_oper_list.vector[3]            0.0000000000 
# 
_struct_biol.id                    1 
_struct_biol.pdbx_parent_biol_id   ? 
_struct_biol.details               ? 
# 
loop_
_struct_conn.id 
_struct_conn.conn_type_id 
_struct_conn.pdbx_leaving_atom_flag 
_struct_conn.pdbx_PDB_id 
_struct_conn.ptnr1_label_asym_id 
_struct_conn.ptnr1_label_comp_id 
_struct_conn.ptnr1_label_seq_id 
_struct_conn.ptnr1_label_atom_id 
_struct_conn.pdbx_ptnr1_label_alt_id 
_struct_conn.pdbx_ptnr1_PDB_ins_code 
_struct_conn.pdbx_ptnr1_standard_comp_id 
_struct_conn.ptnr1_symmetry 
_struct_conn.ptnr2_label_asym_id 
_struct_conn.ptnr2_label_comp_id 
_struct_conn.ptnr2_label_seq_id 
_struct_conn.ptnr2_label_atom_id 
_struct_conn.pdbx_ptnr2_label_alt_id 
_struct_conn.pdbx_ptnr2_PDB_ins_code 
_struct_conn.ptnr1_auth_asym_id 
_struct_conn.ptnr1_auth_comp_id 
_struct_conn.ptnr1_auth_seq_id 
_struct_conn.ptnr2_auth_asym_id 
_struct_conn.ptnr2_auth_comp_id 
_struct_conn.ptnr2_auth_seq_id 
_struct_conn.ptnr2_symmetry 
_struct_conn.pdbx_ptnr3_label_atom_id 
_struct_conn.pdbx_ptnr3_label_seq_id 
_struct_conn.pdbx_ptnr3_label_comp_id 
_struct_conn.pdbx_ptnr3_label_asym_id 
_struct_conn.pdbx_ptnr3_label_alt_id 
_struct_conn.pdbx_ptnr3_PDB_ins_code 
_struct_conn.details 
_struct_conn.pdbx_dist_value 
_struct_conn.pdbx_value_order 
_struct_conn.pdbx_role 
hydrog1  hydrog ? ? A DC 1  N3 ? ? ? 1_555 B G  10 N1 ? ? Q DC 1  R G  20 1_555 ? ? ? ? ? ? WATSON-CRICK ? ? ? 
hydrog2  hydrog ? ? A DC 1  N4 ? ? ? 1_555 B G  10 O6 ? ? Q DC 1  R G  20 1_555 ? ? ? ? ? ? WATSON-CRICK ? ? ? 
hydrog3  hydrog ? ? A DC 1  O2 ? ? ? 1_555 B G  10 N2 ? ? Q DC 1  R G  20 1_555 ? ? ? ? ? ? WATSON-CRICK ? ? ? 
hydrog4  hydrog ? ? A DC 2  N3 ? ? ? 1_555 B DG 9  N1 ? ? Q DC 2  R DG 19 1_555 ? ? ? ? ? ? WATSON-CRICK ? ? ? 
hydrog5  hydrog ? ? A DC 2  N4 ? ? ? 1_555 B DG 9  O6 ? ? Q DC 2  R DG 19 1_555 ? ? ? ? ? ? WATSON-CRICK ? ? ? 
hydrog6  hydrog ? ? A DC 2  O2 ? ? ? 1_555 B DG 9  N2 ? ? Q DC 2  R DG 19 1_555 ? ? ? ? ? ? WATSON-CRICK ? ? ? 
hydrog7  hydrog ? ? A DA 3  N1 ? ? ? 1_555 B DT 8  N3 ? ? Q DA 3  R DT 18 1_555 ? ? ? ? ? ? WATSON-CRICK ? ? ? 
hydrog8  hydrog ? ? A DA 3  N6 ? ? ? 1_555 B DT 8  O4 ? ? Q DA 3  R DT 18 1_555 ? ? ? ? ? ? WATSON-CRICK ? ? ? 
hydrog9  hydrog ? ? A DC 4  N3 ? ? ? 1_555 B DG 7  N1 ? ? Q DC 4  R DG 17 1_555 ? ? ? ? ? ? WATSON-CRICK ? ? ? 
hydrog10 hydrog ? ? A DC 4  N4 ? ? ? 1_555 B DG 7  O6 ? ? Q DC 4  R DG 17 1_555 ? ? ? ? ? ? WATSON-CRICK ? ? ? 
hydrog11 hydrog ? ? A DC 4  O2 ? ? ? 1_555 B DG 7  N2 ? ? Q DC 4  R DG 17 1_555 ? ? ? ? ? ? WATSON-CRICK ? ? ? 
hydrog12 hydrog ? ? A DT 5  N3 ? ? ? 1_555 B DA 6  N1 ? ? Q DT 5  R DA 16 1_555 ? ? ? ? ? ? WATSON-CRICK ? ? ? 
hydrog13 hydrog ? ? A DT 5  O4 ? ? ? 1_555 B DA 6  N6 ? ? Q DT 5  R DA 16 1_555 ? ? ? ? ? ? WATSON-CRICK ? ? ? 
hydrog14 hydrog ? ? A DA 6  N1 ? ? ? 1_555 B DT 5  N3 ? ? Q DA 6  R DT 15 1_555 ? ? ? ? ? ? WATSON-CRICK ? ? ? 
hydrog15 hydrog ? ? A DA 6  N6 ? ? ? 1_555 B DT 5  O4 ? ? Q DA 6  R DT 15 1_555 ? ? ? ? ? ? WATSON-CRICK ? ? ? 
hydrog16 hydrog ? ? A DG 7  N1 ? ? ? 1_555 B DC 4  N3 ? ? Q DG 7  R DC 14 1_555 ? ? ? ? ? ? WATSON-CRICK ? ? ? 
hydrog17 hydrog ? ? A DG 7  N2 ? ? ? 1_555 B DC 4  O2 ? ? Q DG 7  R DC 14 1_555 ? ? ? ? ? ? WATSON-CRICK ? ? ? 
hydrog18 hydrog ? ? A DG 7  O6 ? ? ? 1_555 B DC 4  N4 ? ? Q DG 7  R DC 14 1_555 ? ? ? ? ? ? WATSON-CRICK ? ? ? 
hydrog19 hydrog ? ? A DT 8  N3 ? ? ? 1_555 B DA 3  N1 ? ? Q DT 8  R DA 13 1_555 ? ? ? ? ? ? WATSON-CRICK ? ? ? 
hydrog20 hydrog ? ? A DT 8  O4 ? ? ? 1_555 B DA 3  N6 ? ? Q DT 8  R DA 13 1_555 ? ? ? ? ? ? WATSON-CRICK ? ? ? 
hydrog21 hydrog ? ? A DG 9  N1 ? ? ? 1_555 B DC 2  N3 ? ? Q DG 9  R DC 12 1_555 ? ? ? ? ? ? WATSON-CRICK ? ? ? 
hydrog22 hydrog ? ? A DG 9  N2 ? ? ? 1_555 B DC 2  O2 ? ? Q DG 9  R DC 12 1_555 ? ? ? ? ? ? WATSON-CRICK ? ? ? 
hydrog23 hydrog ? ? A DG 9  O6 ? ? ? 1_555 B DC 2  N4 ? ? Q DG 9  R DC 12 1_555 ? ? ? ? ? ? WATSON-CRICK ? ? ? 
hydrog24 hydrog ? ? A G  10 N1 ? ? ? 1_555 B DC 1  N3 ? ? Q G  10 R DC 11 1_555 ? ? ? ? ? ? WATSON-CRICK ? ? ? 
hydrog25 hydrog ? ? A G  10 N2 ? ? ? 1_555 B DC 1  O2 ? ? Q G  10 R DC 11 1_555 ? ? ? ? ? ? WATSON-CRICK ? ? ? 
hydrog26 hydrog ? ? A G  10 O6 ? ? ? 1_555 B DC 1  N4 ? ? Q G  10 R DC 11 1_555 ? ? ? ? ? ? WATSON-CRICK ? ? ? 
# 
_struct_conn_type.id          hydrog 
_struct_conn_type.criteria    ? 
_struct_conn_type.reference   ? 
# 
loop_
_pdbx_validate_rmsd_angle.id 
_pdbx_validate_rmsd_angle.PDB_model_num 
_pdbx_validate_rmsd_angle.auth_atom_id_1 
_pdbx_validate_rmsd_angle.auth_asym_id_1 
_pdbx_validate_rmsd_angle.auth_comp_id_1 
_pdbx_validate_rmsd_angle.auth_seq_id_1 
_pdbx_validate_rmsd_angle.PDB_ins_code_1 
_pdbx_validate_rmsd_angle.label_alt_id_1 
_pdbx_validate_rmsd_angle.auth_atom_id_2 
_pdbx_validate_rmsd_angle.auth_asym_id_2 
_pdbx_validate_rmsd_angle.auth_comp_id_2 
_pdbx_validate_rmsd_angle.auth_seq_id_2 
_pdbx_validate_rmsd_angle.PDB_ins_code_2 
_pdbx_validate_rmsd_angle.label_alt_id_2 
_pdbx_validate_rmsd_angle.auth_atom_id_3 
_pdbx_validate_rmsd_angle.auth_asym_id_3 
_pdbx_validate_rmsd_angle.auth_comp_id_3 
_pdbx_validate_rmsd_angle.auth_seq_id_3 
_pdbx_validate_rmsd_angle.PDB_ins_code_3 
_pdbx_validate_rmsd_angle.label_alt_id_3 
_pdbx_validate_rmsd_angle.angle_value 
_pdbx_validate_rmsd_angle.angle_target_value 
_pdbx_validate_rmsd_angle.angle_deviation 
_pdbx_validate_rmsd_angle.angle_standard_deviation 
_pdbx_validate_rmsd_angle.linker_flag 
1 1 "C5'" Q DG 7  ? ? "C4'" Q DG 7  ? ? "C3'" Q DG 7  ? ? 123.86 115.70 8.16   1.20 N 
2 1 N9    Q DG 7  ? ? "C1'" Q DG 7  ? ? "C2'" Q DG 7  ? ? 100.10 112.60 -12.50 1.90 N 
3 1 "O5'" R DC 12 ? ? P     R DC 12 ? ? OP2   R DC 12 ? ? 99.70  105.70 -6.00  0.90 N 
4 1 N1    R DC 12 ? ? "C1'" R DC 12 ? ? "C2'" R DC 12 ? ? 101.09 112.60 -11.51 1.90 N 
5 1 "O4'" R DC 12 ? ? "C1'" R DC 12 ? ? N1    R DC 12 ? ? 110.10 108.30 1.80   0.30 N 
# 
loop_
_pdbx_validate_planes.id 
_pdbx_validate_planes.PDB_model_num 
_pdbx_validate_planes.auth_comp_id 
_pdbx_validate_planes.auth_asym_id 
_pdbx_validate_planes.auth_seq_id 
_pdbx_validate_planes.PDB_ins_code 
_pdbx_validate_planes.label_alt_id 
_pdbx_validate_planes.rmsd 
_pdbx_validate_planes.type 
1 1 DC Q 1  ? ? 0.067 'SIDE CHAIN' 
2 1 DC Q 4  ? ? 0.072 'SIDE CHAIN' 
3 1 DC R 12 ? ? 0.066 'SIDE CHAIN' 
# 
loop_
_chem_comp_atom.comp_id 
_chem_comp_atom.atom_id 
_chem_comp_atom.type_symbol 
_chem_comp_atom.pdbx_aromatic_flag 
_chem_comp_atom.pdbx_stereo_config 
_chem_comp_atom.pdbx_ordinal 
DA  OP3    O N N 1   
DA  P      P N N 2   
DA  OP1    O N N 3   
DA  OP2    O N N 4   
DA  "O5'"  O N N 5   
DA  "C5'"  C N N 6   
DA  "C4'"  C N R 7   
DA  "O4'"  O N N 8   
DA  "C3'"  C N S 9   
DA  "O3'"  O N N 10  
DA  "C2'"  C N N 11  
DA  "C1'"  C N R 12  
DA  N9     N Y N 13  
DA  C8     C Y N 14  
DA  N7     N Y N 15  
DA  C5     C Y N 16  
DA  C6     C Y N 17  
DA  N6     N N N 18  
DA  N1     N Y N 19  
DA  C2     C Y N 20  
DA  N3     N Y N 21  
DA  C4     C Y N 22  
DA  HOP3   H N N 23  
DA  HOP2   H N N 24  
DA  "H5'"  H N N 25  
DA  "H5''" H N N 26  
DA  "H4'"  H N N 27  
DA  "H3'"  H N N 28  
DA  "HO3'" H N N 29  
DA  "H2'"  H N N 30  
DA  "H2''" H N N 31  
DA  "H1'"  H N N 32  
DA  H8     H N N 33  
DA  H61    H N N 34  
DA  H62    H N N 35  
DA  H2     H N N 36  
DC  OP3    O N N 37  
DC  P      P N N 38  
DC  OP1    O N N 39  
DC  OP2    O N N 40  
DC  "O5'"  O N N 41  
DC  "C5'"  C N N 42  
DC  "C4'"  C N R 43  
DC  "O4'"  O N N 44  
DC  "C3'"  C N S 45  
DC  "O3'"  O N N 46  
DC  "C2'"  C N N 47  
DC  "C1'"  C N R 48  
DC  N1     N N N 49  
DC  C2     C N N 50  
DC  O2     O N N 51  
DC  N3     N N N 52  
DC  C4     C N N 53  
DC  N4     N N N 54  
DC  C5     C N N 55  
DC  C6     C N N 56  
DC  HOP3   H N N 57  
DC  HOP2   H N N 58  
DC  "H5'"  H N N 59  
DC  "H5''" H N N 60  
DC  "H4'"  H N N 61  
DC  "H3'"  H N N 62  
DC  "HO3'" H N N 63  
DC  "H2'"  H N N 64  
DC  "H2''" H N N 65  
DC  "H1'"  H N N 66  
DC  H41    H N N 67  
DC  H42    H N N 68  
DC  H5     H N N 69  
DC  H6     H N N 70  
DG  OP3    O N N 71  
DG  P      P N N 72  
DG  OP1    O N N 73  
DG  OP2    O N N 74  
DG  "O5'"  O N N 75  
DG  "C5'"  C N N 76  
DG  "C4'"  C N R 77  
DG  "O4'"  O N N 78  
DG  "C3'"  C N S 79  
DG  "O3'"  O N N 80  
DG  "C2'"  C N N 81  
DG  "C1'"  C N R 82  
DG  N9     N Y N 83  
DG  C8     C Y N 84  
DG  N7     N Y N 85  
DG  C5     C Y N 86  
DG  C6     C N N 87  
DG  O6     O N N 88  
DG  N1     N N N 89  
DG  C2     C N N 90  
DG  N2     N N N 91  
DG  N3     N N N 92  
DG  C4     C Y N 93  
DG  HOP3   H N N 94  
DG  HOP2   H N N 95  
DG  "H5'"  H N N 96  
DG  "H5''" H N N 97  
DG  "H4'"  H N N 98  
DG  "H3'"  H N N 99  
DG  "HO3'" H N N 100 
DG  "H2'"  H N N 101 
DG  "H2''" H N N 102 
DG  "H1'"  H N N 103 
DG  H8     H N N 104 
DG  H1     H N N 105 
DG  H21    H N N 106 
DG  H22    H N N 107 
DT  OP3    O N N 108 
DT  P      P N N 109 
DT  OP1    O N N 110 
DT  OP2    O N N 111 
DT  "O5'"  O N N 112 
DT  "C5'"  C N N 113 
DT  "C4'"  C N R 114 
DT  "O4'"  O N N 115 
DT  "C3'"  C N S 116 
DT  "O3'"  O N N 117 
DT  "C2'"  C N N 118 
DT  "C1'"  C N R 119 
DT  N1     N N N 120 
DT  C2     C N N 121 
DT  O2     O N N 122 
DT  N3     N N N 123 
DT  C4     C N N 124 
DT  O4     O N N 125 
DT  C5     C N N 126 
DT  C7     C N N 127 
DT  C6     C N N 128 
DT  HOP3   H N N 129 
DT  HOP2   H N N 130 
DT  "H5'"  H N N 131 
DT  "H5''" H N N 132 
DT  "H4'"  H N N 133 
DT  "H3'"  H N N 134 
DT  "HO3'" H N N 135 
DT  "H2'"  H N N 136 
DT  "H2''" H N N 137 
DT  "H1'"  H N N 138 
DT  H3     H N N 139 
DT  H71    H N N 140 
DT  H72    H N N 141 
DT  H73    H N N 142 
DT  H6     H N N 143 
G   OP3    O N N 144 
G   P      P N N 145 
G   OP1    O N N 146 
G   OP2    O N N 147 
G   "O5'"  O N N 148 
G   "C5'"  C N N 149 
G   "C4'"  C N R 150 
G   "O4'"  O N N 151 
G   "C3'"  C N S 152 
G   "O3'"  O N N 153 
G   "C2'"  C N R 154 
G   "O2'"  O N N 155 
G   "C1'"  C N R 156 
G   N9     N Y N 157 
G   C8     C Y N 158 
G   N7     N Y N 159 
G   C5     C Y N 160 
G   C6     C N N 161 
G   O6     O N N 162 
G   N1     N N N 163 
G   C2     C N N 164 
G   N2     N N N 165 
G   N3     N N N 166 
G   C4     C Y N 167 
G   HOP3   H N N 168 
G   HOP2   H N N 169 
G   "H5'"  H N N 170 
G   "H5''" H N N 171 
G   "H4'"  H N N 172 
G   "H3'"  H N N 173 
G   "HO3'" H N N 174 
G   "H2'"  H N N 175 
G   "HO2'" H N N 176 
G   "H1'"  H N N 177 
G   H8     H N N 178 
G   H1     H N N 179 
G   H21    H N N 180 
G   H22    H N N 181 
HOH O      O N N 182 
HOH H1     H N N 183 
HOH H2     H N N 184 
# 
loop_
_chem_comp_bond.comp_id 
_chem_comp_bond.atom_id_1 
_chem_comp_bond.atom_id_2 
_chem_comp_bond.value_order 
_chem_comp_bond.pdbx_aromatic_flag 
_chem_comp_bond.pdbx_stereo_config 
_chem_comp_bond.pdbx_ordinal 
DA  OP3   P      sing N N 1   
DA  OP3   HOP3   sing N N 2   
DA  P     OP1    doub N N 3   
DA  P     OP2    sing N N 4   
DA  P     "O5'"  sing N N 5   
DA  OP2   HOP2   sing N N 6   
DA  "O5'" "C5'"  sing N N 7   
DA  "C5'" "C4'"  sing N N 8   
DA  "C5'" "H5'"  sing N N 9   
DA  "C5'" "H5''" sing N N 10  
DA  "C4'" "O4'"  sing N N 11  
DA  "C4'" "C3'"  sing N N 12  
DA  "C4'" "H4'"  sing N N 13  
DA  "O4'" "C1'"  sing N N 14  
DA  "C3'" "O3'"  sing N N 15  
DA  "C3'" "C2'"  sing N N 16  
DA  "C3'" "H3'"  sing N N 17  
DA  "O3'" "HO3'" sing N N 18  
DA  "C2'" "C1'"  sing N N 19  
DA  "C2'" "H2'"  sing N N 20  
DA  "C2'" "H2''" sing N N 21  
DA  "C1'" N9     sing N N 22  
DA  "C1'" "H1'"  sing N N 23  
DA  N9    C8     sing Y N 24  
DA  N9    C4     sing Y N 25  
DA  C8    N7     doub Y N 26  
DA  C8    H8     sing N N 27  
DA  N7    C5     sing Y N 28  
DA  C5    C6     sing Y N 29  
DA  C5    C4     doub Y N 30  
DA  C6    N6     sing N N 31  
DA  C6    N1     doub Y N 32  
DA  N6    H61    sing N N 33  
DA  N6    H62    sing N N 34  
DA  N1    C2     sing Y N 35  
DA  C2    N3     doub Y N 36  
DA  C2    H2     sing N N 37  
DA  N3    C4     sing Y N 38  
DC  OP3   P      sing N N 39  
DC  OP3   HOP3   sing N N 40  
DC  P     OP1    doub N N 41  
DC  P     OP2    sing N N 42  
DC  P     "O5'"  sing N N 43  
DC  OP2   HOP2   sing N N 44  
DC  "O5'" "C5'"  sing N N 45  
DC  "C5'" "C4'"  sing N N 46  
DC  "C5'" "H5'"  sing N N 47  
DC  "C5'" "H5''" sing N N 48  
DC  "C4'" "O4'"  sing N N 49  
DC  "C4'" "C3'"  sing N N 50  
DC  "C4'" "H4'"  sing N N 51  
DC  "O4'" "C1'"  sing N N 52  
DC  "C3'" "O3'"  sing N N 53  
DC  "C3'" "C2'"  sing N N 54  
DC  "C3'" "H3'"  sing N N 55  
DC  "O3'" "HO3'" sing N N 56  
DC  "C2'" "C1'"  sing N N 57  
DC  "C2'" "H2'"  sing N N 58  
DC  "C2'" "H2''" sing N N 59  
DC  "C1'" N1     sing N N 60  
DC  "C1'" "H1'"  sing N N 61  
DC  N1    C2     sing N N 62  
DC  N1    C6     sing N N 63  
DC  C2    O2     doub N N 64  
DC  C2    N3     sing N N 65  
DC  N3    C4     doub N N 66  
DC  C4    N4     sing N N 67  
DC  C4    C5     sing N N 68  
DC  N4    H41    sing N N 69  
DC  N4    H42    sing N N 70  
DC  C5    C6     doub N N 71  
DC  C5    H5     sing N N 72  
DC  C6    H6     sing N N 73  
DG  OP3   P      sing N N 74  
DG  OP3   HOP3   sing N N 75  
DG  P     OP1    doub N N 76  
DG  P     OP2    sing N N 77  
DG  P     "O5'"  sing N N 78  
DG  OP2   HOP2   sing N N 79  
DG  "O5'" "C5'"  sing N N 80  
DG  "C5'" "C4'"  sing N N 81  
DG  "C5'" "H5'"  sing N N 82  
DG  "C5'" "H5''" sing N N 83  
DG  "C4'" "O4'"  sing N N 84  
DG  "C4'" "C3'"  sing N N 85  
DG  "C4'" "H4'"  sing N N 86  
DG  "O4'" "C1'"  sing N N 87  
DG  "C3'" "O3'"  sing N N 88  
DG  "C3'" "C2'"  sing N N 89  
DG  "C3'" "H3'"  sing N N 90  
DG  "O3'" "HO3'" sing N N 91  
DG  "C2'" "C1'"  sing N N 92  
DG  "C2'" "H2'"  sing N N 93  
DG  "C2'" "H2''" sing N N 94  
DG  "C1'" N9     sing N N 95  
DG  "C1'" "H1'"  sing N N 96  
DG  N9    C8     sing Y N 97  
DG  N9    C4     sing Y N 98  
DG  C8    N7     doub Y N 99  
DG  C8    H8     sing N N 100 
DG  N7    C5     sing Y N 101 
DG  C5    C6     sing N N 102 
DG  C5    C4     doub Y N 103 
DG  C6    O6     doub N N 104 
DG  C6    N1     sing N N 105 
DG  N1    C2     sing N N 106 
DG  N1    H1     sing N N 107 
DG  C2    N2     sing N N 108 
DG  C2    N3     doub N N 109 
DG  N2    H21    sing N N 110 
DG  N2    H22    sing N N 111 
DG  N3    C4     sing N N 112 
DT  OP3   P      sing N N 113 
DT  OP3   HOP3   sing N N 114 
DT  P     OP1    doub N N 115 
DT  P     OP2    sing N N 116 
DT  P     "O5'"  sing N N 117 
DT  OP2   HOP2   sing N N 118 
DT  "O5'" "C5'"  sing N N 119 
DT  "C5'" "C4'"  sing N N 120 
DT  "C5'" "H5'"  sing N N 121 
DT  "C5'" "H5''" sing N N 122 
DT  "C4'" "O4'"  sing N N 123 
DT  "C4'" "C3'"  sing N N 124 
DT  "C4'" "H4'"  sing N N 125 
DT  "O4'" "C1'"  sing N N 126 
DT  "C3'" "O3'"  sing N N 127 
DT  "C3'" "C2'"  sing N N 128 
DT  "C3'" "H3'"  sing N N 129 
DT  "O3'" "HO3'" sing N N 130 
DT  "C2'" "C1'"  sing N N 131 
DT  "C2'" "H2'"  sing N N 132 
DT  "C2'" "H2''" sing N N 133 
DT  "C1'" N1     sing N N 134 
DT  "C1'" "H1'"  sing N N 135 
DT  N1    C2     sing N N 136 
DT  N1    C6     sing N N 137 
DT  C2    O2     doub N N 138 
DT  C2    N3     sing N N 139 
DT  N3    C4     sing N N 140 
DT  N3    H3     sing N N 141 
DT  C4    O4     doub N N 142 
DT  C4    C5     sing N N 143 
DT  C5    C7     sing N N 144 
DT  C5    C6     doub N N 145 
DT  C7    H71    sing N N 146 
DT  C7    H72    sing N N 147 
DT  C7    H73    sing N N 148 
DT  C6    H6     sing N N 149 
G   OP3   P      sing N N 150 
G   OP3   HOP3   sing N N 151 
G   P     OP1    doub N N 152 
G   P     OP2    sing N N 153 
G   P     "O5'"  sing N N 154 
G   OP2   HOP2   sing N N 155 
G   "O5'" "C5'"  sing N N 156 
G   "C5'" "C4'"  sing N N 157 
G   "C5'" "H5'"  sing N N 158 
G   "C5'" "H5''" sing N N 159 
G   "C4'" "O4'"  sing N N 160 
G   "C4'" "C3'"  sing N N 161 
G   "C4'" "H4'"  sing N N 162 
G   "O4'" "C1'"  sing N N 163 
G   "C3'" "O3'"  sing N N 164 
G   "C3'" "C2'"  sing N N 165 
G   "C3'" "H3'"  sing N N 166 
G   "O3'" "HO3'" sing N N 167 
G   "C2'" "O2'"  sing N N 168 
G   "C2'" "C1'"  sing N N 169 
G   "C2'" "H2'"  sing N N 170 
G   "O2'" "HO2'" sing N N 171 
G   "C1'" N9     sing N N 172 
G   "C1'" "H1'"  sing N N 173 
G   N9    C8     sing Y N 174 
G   N9    C4     sing Y N 175 
G   C8    N7     doub Y N 176 
G   C8    H8     sing N N 177 
G   N7    C5     sing Y N 178 
G   C5    C6     sing N N 179 
G   C5    C4     doub Y N 180 
G   C6    O6     doub N N 181 
G   C6    N1     sing N N 182 
G   N1    C2     sing N N 183 
G   N1    H1     sing N N 184 
G   C2    N2     sing N N 185 
G   C2    N3     doub N N 186 
G   N2    H21    sing N N 187 
G   N2    H22    sing N N 188 
G   N3    C4     sing N N 189 
HOH O     H1     sing N N 190 
HOH O     H2     sing N N 191 
# 
_ndb_struct_conf_na.entry_id   1EVP 
_ndb_struct_conf_na.feature    'a-form double helix' 
# 
loop_
_ndb_struct_na_base_pair.model_number 
_ndb_struct_na_base_pair.i_label_asym_id 
_ndb_struct_na_base_pair.i_label_comp_id 
_ndb_struct_na_base_pair.i_label_seq_id 
_ndb_struct_na_base_pair.i_symmetry 
_ndb_struct_na_base_pair.j_label_asym_id 
_ndb_struct_na_base_pair.j_label_comp_id 
_ndb_struct_na_base_pair.j_label_seq_id 
_ndb_struct_na_base_pair.j_symmetry 
_ndb_struct_na_base_pair.shear 
_ndb_struct_na_base_pair.stretch 
_ndb_struct_na_base_pair.stagger 
_ndb_struct_na_base_pair.buckle 
_ndb_struct_na_base_pair.propeller 
_ndb_struct_na_base_pair.opening 
_ndb_struct_na_base_pair.pair_number 
_ndb_struct_na_base_pair.pair_name 
_ndb_struct_na_base_pair.i_auth_asym_id 
_ndb_struct_na_base_pair.i_auth_seq_id 
_ndb_struct_na_base_pair.i_PDB_ins_code 
_ndb_struct_na_base_pair.j_auth_asym_id 
_ndb_struct_na_base_pair.j_auth_seq_id 
_ndb_struct_na_base_pair.j_PDB_ins_code 
_ndb_struct_na_base_pair.hbond_type_28 
_ndb_struct_na_base_pair.hbond_type_12 
1 A DC 1  1_555 B G  10 1_555 0.092  -0.320 0.106  1.331  -7.105  0.509  1  Q_DC1:G20_R  Q 1  ? R 20 ? 19 1 
1 A DC 2  1_555 B DG 9  1_555 0.052  -0.114 0.209  1.114  -7.536  -1.208 2  Q_DC2:DG19_R Q 2  ? R 19 ? 19 1 
1 A DA 3  1_555 B DT 8  1_555 0.095  -0.139 0.168  3.015  -6.205  0.253  3  Q_DA3:DT18_R Q 3  ? R 18 ? 20 1 
1 A DC 4  1_555 B DG 7  1_555 0.246  -0.087 -0.007 8.704  -10.295 5.026  4  Q_DC4:DG17_R Q 4  ? R 17 ? 19 1 
1 A DT 5  1_555 B DA 6  1_555 -0.029 -0.141 0.038  5.863  -13.744 -1.811 5  Q_DT5:DA16_R Q 5  ? R 16 ? 20 1 
1 A DA 6  1_555 B DT 5  1_555 0.110  -0.077 -0.490 -4.946 -16.351 2.619  6  Q_DA6:DT15_R Q 6  ? R 15 ? 20 1 
1 A DG 7  1_555 B DC 4  1_555 -0.300 -0.121 -0.098 -7.625 -10.874 2.846  7  Q_DG7:DC14_R Q 7  ? R 14 ? 19 1 
1 A DT 8  1_555 B DA 3  1_555 -0.075 -0.161 -0.023 -2.808 -8.085  5.018  8  Q_DT8:DA13_R Q 8  ? R 13 ? 20 1 
1 A DG 9  1_555 B DC 2  1_555 -0.144 -0.118 0.092  -2.741 -3.066  -0.397 9  Q_DG9:DC12_R Q 9  ? R 12 ? 19 1 
1 A G  10 1_555 B DC 1  1_555 -0.180 -0.044 0.502  16.068 -2.523  0.562  10 Q_G10:DC11_R Q 10 ? R 11 ? 19 1 
# 
loop_
_ndb_struct_na_base_pair_step.model_number 
_ndb_struct_na_base_pair_step.i_label_asym_id_1 
_ndb_struct_na_base_pair_step.i_label_comp_id_1 
_ndb_struct_na_base_pair_step.i_label_seq_id_1 
_ndb_struct_na_base_pair_step.i_symmetry_1 
_ndb_struct_na_base_pair_step.j_label_asym_id_1 
_ndb_struct_na_base_pair_step.j_label_comp_id_1 
_ndb_struct_na_base_pair_step.j_label_seq_id_1 
_ndb_struct_na_base_pair_step.j_symmetry_1 
_ndb_struct_na_base_pair_step.i_label_asym_id_2 
_ndb_struct_na_base_pair_step.i_label_comp_id_2 
_ndb_struct_na_base_pair_step.i_label_seq_id_2 
_ndb_struct_na_base_pair_step.i_symmetry_2 
_ndb_struct_na_base_pair_step.j_label_asym_id_2 
_ndb_struct_na_base_pair_step.j_label_comp_id_2 
_ndb_struct_na_base_pair_step.j_label_seq_id_2 
_ndb_struct_na_base_pair_step.j_symmetry_2 
_ndb_struct_na_base_pair_step.shift 
_ndb_struct_na_base_pair_step.slide 
_ndb_struct_na_base_pair_step.rise 
_ndb_struct_na_base_pair_step.tilt 
_ndb_struct_na_base_pair_step.roll 
_ndb_struct_na_base_pair_step.twist 
_ndb_struct_na_base_pair_step.x_displacement 
_ndb_struct_na_base_pair_step.y_displacement 
_ndb_struct_na_base_pair_step.helical_rise 
_ndb_struct_na_base_pair_step.inclination 
_ndb_struct_na_base_pair_step.tip 
_ndb_struct_na_base_pair_step.helical_twist 
_ndb_struct_na_base_pair_step.step_number 
_ndb_struct_na_base_pair_step.step_name 
_ndb_struct_na_base_pair_step.i_auth_asym_id_1 
_ndb_struct_na_base_pair_step.i_auth_seq_id_1 
_ndb_struct_na_base_pair_step.i_PDB_ins_code_1 
_ndb_struct_na_base_pair_step.j_auth_asym_id_1 
_ndb_struct_na_base_pair_step.j_auth_seq_id_1 
_ndb_struct_na_base_pair_step.j_PDB_ins_code_1 
_ndb_struct_na_base_pair_step.i_auth_asym_id_2 
_ndb_struct_na_base_pair_step.i_auth_seq_id_2 
_ndb_struct_na_base_pair_step.i_PDB_ins_code_2 
_ndb_struct_na_base_pair_step.j_auth_asym_id_2 
_ndb_struct_na_base_pair_step.j_auth_seq_id_2 
_ndb_struct_na_base_pair_step.j_PDB_ins_code_2 
1 A DC 1 1_555 B G  10 1_555 A DC 2  1_555 B DG 9 1_555 -0.743 -2.104 3.231 -3.702 0.986  31.140 -4.075 0.684  3.229 1.828  6.864  
31.369 1 QQ_DC1DC2:DG19G20_RR  Q 1 ? R 20 ? Q 2  ? R 19 ? 
1 A DC 2 1_555 B DG 9  1_555 A DA 3  1_555 B DT 8 1_555 -0.205 -1.717 3.199 -0.929 3.142  30.272 -3.868 0.213  3.014 5.994  1.773  
30.444 2 QQ_DC2DA3:DT18DG19_RR Q 2 ? R 19 ? Q 3  ? R 18 ? 
1 A DA 3 1_555 B DT 8  1_555 A DC 4  1_555 B DG 7 1_555 0.596  -1.877 3.220 0.779  0.351  28.438 -3.898 -1.037 3.212 0.715  -1.585 
28.451 3 QQ_DA3DC4:DG17DT18_RR Q 3 ? R 18 ? Q 4  ? R 17 ? 
1 A DC 4 1_555 B DG 7  1_555 A DT 5  1_555 B DA 6 1_555 -0.775 -2.115 3.349 -1.940 3.996  30.926 -4.680 1.076  3.100 7.445  3.614  
31.236 4 QQ_DC4DT5:DA16DG17_RR Q 4 ? R 17 ? Q 5  ? R 16 ? 
1 A DT 5 1_555 B DA 6  1_555 A DA 6  1_555 B DT 5 1_555 -0.552 -1.459 3.452 1.753  19.742 28.579 -5.251 1.176  2.019 35.154 -3.122 
34.661 5 QQ_DT5DA6:DT15DA16_RR Q 5 ? R 16 ? Q 6  ? R 15 ? 
1 A DA 6 1_555 B DT 5  1_555 A DG 7  1_555 B DC 4 1_555 1.380  -1.741 3.426 -0.883 10.481 26.315 -5.848 -3.015 2.514 21.939 1.848  
28.304 6 QQ_DA6DG7:DC14DT15_RR Q 6 ? R 15 ? Q 7  ? R 14 ? 
1 A DG 7 1_555 B DC 4  1_555 A DT 8  1_555 B DA 3 1_555 0.090  -2.024 3.259 0.381  1.742  28.899 -4.426 -0.098 3.135 3.487  -0.762 
28.952 7 QQ_DG7DT8:DA13DC14_RR Q 7 ? R 14 ? Q 8  ? R 13 ? 
1 A DT 8 1_555 B DA 3  1_555 A DG 9  1_555 B DC 2 1_555 -0.441 -1.935 3.334 -1.235 5.226  29.438 -4.801 0.606  2.970 10.178 2.404  
29.913 8 QQ_DT8DG9:DC12DA13_RR Q 8 ? R 13 ? Q 9  ? R 12 ? 
1 A DG 9 1_555 B DC 2  1_555 A G  10 1_555 B DC 1 1_555 -1.297 -2.111 2.894 -4.069 6.485  22.503 -6.907 2.036  2.394 16.033 10.061 
23.754 9 QQ_DG9G10:DC11DC12_RR Q 9 ? R 12 ? Q 10 ? R 11 ? 
# 
_atom_sites.entry_id                    1EVP 
_atom_sites.fract_transf_matrix[1][1]   -0.00136546 
_atom_sites.fract_transf_matrix[1][2]   0.03135303 
_atom_sites.fract_transf_matrix[1][3]   0.02767295 
_atom_sites.fract_transf_matrix[2][1]   -0.02183815 
_atom_sites.fract_transf_matrix[2][2]   -0.00028680 
_atom_sites.fract_transf_matrix[2][3]   -0.00075262 
_atom_sites.fract_transf_matrix[3][1]   -0.00034761 
_atom_sites.fract_transf_matrix[3][2]   -0.01343713 
_atom_sites.fract_transf_matrix[3][3]   0.01520692 
_atom_sites.fract_transf_vector[1]      0.108669 
_atom_sites.fract_transf_vector[2]      -0.016652 
_atom_sites.fract_transf_vector[3]      0.196273 
# 
loop_
_atom_type.symbol 
C 
N 
O 
P 
# 
loop_
_atom_site.group_PDB 
_atom_site.id 
_atom_site.type_symbol 
_atom_site.label_atom_id 
_atom_site.label_alt_id 
_atom_site.label_comp_id 
_atom_site.label_asym_id 
_atom_site.label_entity_id 
_atom_site.label_seq_id 
_atom_site.pdbx_PDB_ins_code 
_atom_site.Cartn_x 
_atom_site.Cartn_y 
_atom_site.Cartn_z 
_atom_site.occupancy 
_atom_site.B_iso_or_equiv 
_atom_site.pdbx_formal_charge 
_atom_site.auth_seq_id 
_atom_site.auth_comp_id 
_atom_site.auth_asym_id 
_atom_site.auth_atom_id 
_atom_site.pdbx_PDB_model_num 
ATOM   1   O "O5'" . DC  A 1 1  ? -9.380  -3.908  -8.392  1.00 30.06 ? 1   DC  Q "O5'" 1 
ATOM   2   C "C5'" . DC  A 1 1  ? -10.751 -3.812  -8.807  1.00 25.21 ? 1   DC  Q "C5'" 1 
ATOM   3   C "C4'" . DC  A 1 1  ? -11.729 -3.624  -7.667  1.00 23.14 ? 1   DC  Q "C4'" 1 
ATOM   4   O "O4'" . DC  A 1 1  ? -12.185 -4.954  -7.348  1.00 22.08 ? 1   DC  Q "O4'" 1 
ATOM   5   C "C3'" . DC  A 1 1  ? -11.152 -3.074  -6.365  1.00 22.78 ? 1   DC  Q "C3'" 1 
ATOM   6   O "O3'" . DC  A 1 1  ? -11.468 -1.730  -6.115  1.00 23.22 ? 1   DC  Q "O3'" 1 
ATOM   7   C "C2'" . DC  A 1 1  ? -11.789 -3.909  -5.271  1.00 21.35 ? 1   DC  Q "C2'" 1 
ATOM   8   C "C1'" . DC  A 1 1  ? -12.314 -5.145  -5.947  1.00 20.64 ? 1   DC  Q "C1'" 1 
ATOM   9   N N1    . DC  A 1 1  ? -11.413 -6.249  -5.559  1.00 18.40 ? 1   DC  Q N1    1 
ATOM   10  C C2    . DC  A 1 1  ? -11.565 -6.809  -4.285  1.00 15.99 ? 1   DC  Q C2    1 
ATOM   11  O O2    . DC  A 1 1  ? -12.542 -6.466  -3.607  1.00 15.04 ? 1   DC  Q O2    1 
ATOM   12  N N3    . DC  A 1 1  ? -10.655 -7.704  -3.838  1.00 15.79 ? 1   DC  Q N3    1 
ATOM   13  C C4    . DC  A 1 1  ? -9.652  -8.071  -4.632  1.00 18.20 ? 1   DC  Q C4    1 
ATOM   14  N N4    . DC  A 1 1  ? -8.736  -8.926  -4.146  1.00 17.20 ? 1   DC  Q N4    1 
ATOM   15  C C5    . DC  A 1 1  ? -9.523  -7.573  -5.967  1.00 18.42 ? 1   DC  Q C5    1 
ATOM   16  C C6    . DC  A 1 1  ? -10.418 -6.675  -6.383  1.00 16.64 ? 1   DC  Q C6    1 
ATOM   17  P P     . DC  A 1 2  ? -10.592 -0.907  -5.055  1.00 24.43 ? 2   DC  Q P     1 
ATOM   18  O OP1   . DC  A 1 2  ? -10.865 0.564   -5.248  1.00 25.23 ? 2   DC  Q OP1   1 
ATOM   19  O OP2   . DC  A 1 2  ? -9.152  -1.393  -4.990  1.00 25.27 ? 2   DC  Q OP2   1 
ATOM   20  O "O5'" . DC  A 1 2  ? -11.233 -1.339  -3.660  1.00 21.72 ? 2   DC  Q "O5'" 1 
ATOM   21  C "C5'" . DC  A 1 2  ? -12.612 -1.121  -3.403  1.00 17.30 ? 2   DC  Q "C5'" 1 
ATOM   22  C "C4'" . DC  A 1 2  ? -12.914 -1.448  -1.964  1.00 16.53 ? 2   DC  Q "C4'" 1 
ATOM   23  O "O4'" . DC  A 1 2  ? -12.918 -2.895  -1.874  1.00 14.87 ? 2   DC  Q "O4'" 1 
ATOM   24  C "C3'" . DC  A 1 2  ? -11.851 -1.003  -0.960  1.00 16.68 ? 2   DC  Q "C3'" 1 
ATOM   25  O "O3'" . DC  A 1 2  ? -12.094 0.255   -0.352  1.00 17.12 ? 2   DC  Q "O3'" 1 
ATOM   26  C "C2'" . DC  A 1 2  ? -11.869 -2.106  0.095   1.00 16.11 ? 2   DC  Q "C2'" 1 
ATOM   27  C "C1'" . DC  A 1 2  ? -12.360 -3.342  -0.639  1.00 14.57 ? 2   DC  Q "C1'" 1 
ATOM   28  N N1    . DC  A 1 2  ? -11.181 -4.206  -0.944  1.00 14.33 ? 2   DC  Q N1    1 
ATOM   29  C C2    . DC  A 1 2  ? -10.682 -5.038  0.078   1.00 12.72 ? 2   DC  Q C2    1 
ATOM   30  O O2    . DC  A 1 2  ? -11.258 -5.053  1.172   1.00 13.79 ? 2   DC  Q O2    1 
ATOM   31  N N3    . DC  A 1 2  ? -9.573  -5.804  -0.160  1.00 11.24 ? 2   DC  Q N3    1 
ATOM   32  C C4    . DC  A 1 2  ? -8.970  -5.753  -1.347  1.00 10.71 ? 2   DC  Q C4    1 
ATOM   33  N N4    . DC  A 1 2  ? -7.911  -6.493  -1.517  1.00 6.16  ? 2   DC  Q N4    1 
ATOM   34  C C5    . DC  A 1 2  ? -9.450  -4.925  -2.403  1.00 11.37 ? 2   DC  Q C5    1 
ATOM   35  C C6    . DC  A 1 2  ? -10.561 -4.190  -2.167  1.00 12.17 ? 2   DC  Q C6    1 
ATOM   36  P P     . DA  A 1 3  ? -10.848 1.082   0.232   1.00 17.97 ? 3   DA  Q P     1 
ATOM   37  O OP1   . DA  A 1 3  ? -11.325 2.448   0.483   1.00 19.25 ? 3   DA  Q OP1   1 
ATOM   38  O OP2   . DA  A 1 3  ? -9.643  0.859   -0.597  1.00 16.54 ? 3   DA  Q OP2   1 
ATOM   39  O "O5'" . DA  A 1 3  ? -10.534 0.383   1.648   1.00 17.63 ? 3   DA  Q "O5'" 1 
ATOM   40  C "C5'" . DA  A 1 3  ? -11.557 0.192   2.643   1.00 16.90 ? 3   DA  Q "C5'" 1 
ATOM   41  C "C4'" . DA  A 1 3  ? -11.028 -0.632  3.794   1.00 15.97 ? 3   DA  Q "C4'" 1 
ATOM   42  O "O4'" . DA  A 1 3  ? -10.885 -2.020  3.377   1.00 14.35 ? 3   DA  Q "O4'" 1 
ATOM   43  C "C3'" . DA  A 1 3  ? -9.639  -0.228  4.252   1.00 16.38 ? 3   DA  Q "C3'" 1 
ATOM   44  O "O3'" . DA  A 1 3  ? -9.654  0.687   5.313   1.00 18.24 ? 3   DA  Q "O3'" 1 
ATOM   45  C "C2'" . DA  A 1 3  ? -9.030  -1.522  4.761   1.00 16.08 ? 3   DA  Q "C2'" 1 
ATOM   46  C "C1'" . DA  A 1 3  ? -9.812  -2.627  4.081   1.00 12.41 ? 3   DA  Q "C1'" 1 
ATOM   47  N N9    . DA  A 1 3  ? -8.860  -3.114  3.103   1.00 9.80  ? 3   DA  Q N9    1 
ATOM   48  C C8    . DA  A 1 3  ? -8.729  -2.732  1.814   1.00 8.32  ? 3   DA  Q C8    1 
ATOM   49  N N7    . DA  A 1 3  ? -7.760  -3.337  1.186   1.00 8.61  ? 3   DA  Q N7    1 
ATOM   50  C C5    . DA  A 1 3  ? -7.209  -4.175  2.144   1.00 7.92  ? 3   DA  Q C5    1 
ATOM   51  C C6    . DA  A 1 3  ? -6.142  -5.116  2.100   1.00 6.96  ? 3   DA  Q C6    1 
ATOM   52  N N6    . DA  A 1 3  ? -5.399  -5.376  1.014   1.00 6.86  ? 3   DA  Q N6    1 
ATOM   53  N N1    . DA  A 1 3  ? -5.876  -5.793  3.231   1.00 8.29  ? 3   DA  Q N1    1 
ATOM   54  C C2    . DA  A 1 3  ? -6.613  -5.528  4.328   1.00 7.50  ? 3   DA  Q C2    1 
ATOM   55  N N3    . DA  A 1 3  ? -7.619  -4.674  4.480   1.00 7.98  ? 3   DA  Q N3    1 
ATOM   56  C C4    . DA  A 1 3  ? -7.877  -4.039  3.332   1.00 7.61  ? 3   DA  Q C4    1 
ATOM   57  P P     . DC  A 1 4  ? -8.414  1.673   5.470   1.00 17.04 ? 4   DC  Q P     1 
ATOM   58  O OP1   . DC  A 1 4  ? -8.833  2.747   6.398   1.00 19.25 ? 4   DC  Q OP1   1 
ATOM   59  O OP2   . DC  A 1 4  ? -7.930  1.995   4.096   1.00 19.89 ? 4   DC  Q OP2   1 
ATOM   60  O "O5'" . DC  A 1 4  ? -7.330  0.782   6.219   1.00 18.29 ? 4   DC  Q "O5'" 1 
ATOM   61  C "C5'" . DC  A 1 4  ? -7.663  0.173   7.469   1.00 17.47 ? 4   DC  Q "C5'" 1 
ATOM   62  C "C4'" . DC  A 1 4  ? -6.618  -0.838  7.851   1.00 15.75 ? 4   DC  Q "C4'" 1 
ATOM   63  O "O4'" . DC  A 1 4  ? -6.624  -1.905  6.859   1.00 16.26 ? 4   DC  Q "O4'" 1 
ATOM   64  C "C3'" . DC  A 1 4  ? -5.216  -0.233  7.797   1.00 15.42 ? 4   DC  Q "C3'" 1 
ATOM   65  O "O3'" . DC  A 1 4  ? -4.692  0.051   9.071   1.00 14.64 ? 4   DC  Q "O3'" 1 
ATOM   66  C "C2'" . DC  A 1 4  ? -4.365  -1.332  7.215   1.00 15.85 ? 4   DC  Q "C2'" 1 
ATOM   67  C "C1'" . DC  A 1 4  ? -5.300  -2.433  6.754   1.00 14.94 ? 4   DC  Q "C1'" 1 
ATOM   68  N N1    . DC  A 1 4  ? -4.928  -2.551  5.336   1.00 12.94 ? 4   DC  Q N1    1 
ATOM   69  C C2    . DC  A 1 4  ? -3.972  -3.517  4.994   1.00 11.08 ? 4   DC  Q C2    1 
ATOM   70  O O2    . DC  A 1 4  ? -3.627  -4.345  5.847   1.00 7.87  ? 4   DC  Q O2    1 
ATOM   71  N N3    . DC  A 1 4  ? -3.456  -3.536  3.749   1.00 10.54 ? 4   DC  Q N3    1 
ATOM   72  C C4    . DC  A 1 4  ? -3.892  -2.670  2.835   1.00 10.04 ? 4   DC  Q C4    1 
ATOM   73  N N4    . DC  A 1 4  ? -3.320  -2.720  1.617   1.00 9.20  ? 4   DC  Q N4    1 
ATOM   74  C C5    . DC  A 1 4  ? -4.920  -1.723  3.127   1.00 10.68 ? 4   DC  Q C5    1 
ATOM   75  C C6    . DC  A 1 4  ? -5.412  -1.696  4.386   1.00 11.59 ? 4   DC  Q C6    1 
ATOM   76  P P     . DT  A 1 5  ? -3.320  0.860   9.193   1.00 13.67 ? 5   DT  Q P     1 
ATOM   77  O OP1   . DT  A 1 5  ? -3.363  1.518   10.493  1.00 13.94 ? 5   DT  Q OP1   1 
ATOM   78  O OP2   . DT  A 1 5  ? -3.086  1.669   7.984   1.00 11.93 ? 5   DT  Q OP2   1 
ATOM   79  O "O5'" . DT  A 1 5  ? -2.226  -0.281  9.263   1.00 12.37 ? 5   DT  Q "O5'" 1 
ATOM   80  C "C5'" . DT  A 1 5  ? -2.265  -1.266  10.275  1.00 11.22 ? 5   DT  Q "C5'" 1 
ATOM   81  C "C4'" . DT  A 1 5  ? -1.074  -2.180  10.146  1.00 10.17 ? 5   DT  Q "C4'" 1 
ATOM   82  O "O4'" . DT  A 1 5  ? -1.245  -2.976  8.948   1.00 10.84 ? 5   DT  Q "O4'" 1 
ATOM   83  C "C3'" . DT  A 1 5  ? 0.210   -1.419  9.895   1.00 11.19 ? 5   DT  Q "C3'" 1 
ATOM   84  O "O3'" . DT  A 1 5  ? 0.923   -1.166  11.054  1.00 13.05 ? 5   DT  Q "O3'" 1 
ATOM   85  C "C2'" . DT  A 1 5  ? 1.031   -2.368  9.045   1.00 11.10 ? 5   DT  Q "C2'" 1 
ATOM   86  C "C1'" . DT  A 1 5  ? 0.021   -3.256  8.347   1.00 11.09 ? 5   DT  Q "C1'" 1 
ATOM   87  N N1    . DT  A 1 5  ? -0.017  -2.812  6.924   1.00 10.26 ? 5   DT  Q N1    1 
ATOM   88  C C2    . DT  A 1 5  ? 0.876   -3.383  6.043   1.00 8.44  ? 5   DT  Q C2    1 
ATOM   89  O O2    . DT  A 1 5  ? 1.705   -4.181  6.378   1.00 7.81  ? 5   DT  Q O2    1 
ATOM   90  N N3    . DT  A 1 5  ? 0.776   -2.952  4.749   1.00 8.88  ? 5   DT  Q N3    1 
ATOM   91  C C4    . DT  A 1 5  ? -0.067  -1.974  4.262   1.00 8.42  ? 5   DT  Q C4    1 
ATOM   92  O O4    . DT  A 1 5  ? -0.031  -1.700  3.076   1.00 8.80  ? 5   DT  Q O4    1 
ATOM   93  C C5    . DT  A 1 5  ? -0.938  -1.358  5.255   1.00 9.35  ? 5   DT  Q C5    1 
ATOM   94  C C7    . DT  A 1 5  ? -1.825  -0.218  4.855   1.00 11.14 ? 5   DT  Q C7    1 
ATOM   95  C C6    . DT  A 1 5  ? -0.894  -1.826  6.508   1.00 8.74  ? 5   DT  Q C6    1 
ATOM   96  P P     . DA  A 1 6  ? 1.952   0.048   11.047  1.00 15.41 ? 6   DA  Q P     1 
ATOM   97  O OP1   . DA  A 1 6  ? 2.351   0.277   12.437  1.00 16.12 ? 6   DA  Q OP1   1 
ATOM   98  O OP2   . DA  A 1 6  ? 1.382   1.142   10.240  1.00 15.33 ? 6   DA  Q OP2   1 
ATOM   99  O "O5'" . DA  A 1 6  ? 3.227   -0.519  10.289  1.00 11.50 ? 6   DA  Q "O5'" 1 
ATOM   100 C "C5'" . DA  A 1 6  ? 3.967   -1.538  10.875  1.00 12.91 ? 6   DA  Q "C5'" 1 
ATOM   101 C "C4'" . DA  A 1 6  ? 5.186   -1.841  10.045  1.00 15.70 ? 6   DA  Q "C4'" 1 
ATOM   102 O "O4'" . DA  A 1 6  ? 4.719   -2.540  8.867   1.00 16.81 ? 6   DA  Q "O4'" 1 
ATOM   103 C "C3'" . DA  A 1 6  ? 5.862   -0.601  9.492   1.00 14.90 ? 6   DA  Q "C3'" 1 
ATOM   104 O "O3'" . DA  A 1 6  ? 6.871   -0.113  10.312  1.00 17.38 ? 6   DA  Q "O3'" 1 
ATOM   105 C "C2'" . DA  A 1 6  ? 6.454   -1.073  8.179   1.00 13.36 ? 6   DA  Q "C2'" 1 
ATOM   106 C "C1'" . DA  A 1 6  ? 5.545   -2.194  7.750   1.00 13.56 ? 6   DA  Q "C1'" 1 
ATOM   107 N N9    . DA  A 1 6  ? 4.676   -1.654  6.704   1.00 9.38  ? 6   DA  Q N9    1 
ATOM   108 C C8    . DA  A 1 6  ? 3.476   -0.999  6.796   1.00 8.79  ? 6   DA  Q C8    1 
ATOM   109 N N7    . DA  A 1 6  ? 2.976   -0.649  5.624   1.00 8.14  ? 6   DA  Q N7    1 
ATOM   110 C C5    . DA  A 1 6  ? 3.914   -1.110  4.708   1.00 8.54  ? 6   DA  Q C5    1 
ATOM   111 C C6    . DA  A 1 6  ? 3.976   -1.072  3.296   1.00 7.06  ? 6   DA  Q C6    1 
ATOM   112 N N6    . DA  A 1 6  ? 3.028   -0.553  2.523   1.00 6.84  ? 6   DA  Q N6    1 
ATOM   113 N N1    . DA  A 1 6  ? 5.063   -1.608  2.697   1.00 6.87  ? 6   DA  Q N1    1 
ATOM   114 C C2    . DA  A 1 6  ? 6.009   -2.162  3.464   1.00 7.34  ? 6   DA  Q C2    1 
ATOM   115 N N3    . DA  A 1 6  ? 6.070   -2.261  4.803   1.00 7.96  ? 6   DA  Q N3    1 
ATOM   116 C C4    . DA  A 1 6  ? 4.979   -1.710  5.366   1.00 8.89  ? 6   DA  Q C4    1 
ATOM   117 P P     . DG  A 1 7  ? 7.165   1.465   10.313  1.00 19.12 ? 7   DG  Q P     1 
ATOM   118 O OP1   . DG  A 1 7  ? 8.367   1.501   11.166  1.00 23.83 ? 7   DG  Q OP1   1 
ATOM   119 O OP2   . DG  A 1 7  ? 6.028   2.360   10.596  1.00 19.46 ? 7   DG  Q OP2   1 
ATOM   120 O "O5'" . DG  A 1 7  ? 7.512   1.829   8.789   1.00 21.68 ? 7   DG  Q "O5'" 1 
ATOM   121 C "C5'" . DG  A 1 7  ? 8.769   1.519   8.283   1.00 20.65 ? 7   DG  Q "C5'" 1 
ATOM   122 C "C4'" . DG  A 1 7  ? 8.898   1.809   6.799   1.00 18.40 ? 7   DG  Q "C4'" 1 
ATOM   123 O "O4'" . DG  A 1 7  ? 7.890   1.058   6.105   1.00 15.36 ? 7   DG  Q "O4'" 1 
ATOM   124 C "C3'" . DG  A 1 7  ? 8.761   3.200   6.189   1.00 17.13 ? 7   DG  Q "C3'" 1 
ATOM   125 O "O3'" . DG  A 1 7  ? 9.961   3.954   6.108   1.00 17.12 ? 7   DG  Q "O3'" 1 
ATOM   126 C "C2'" . DG  A 1 7  ? 8.565   2.828   4.734   1.00 15.59 ? 7   DG  Q "C2'" 1 
ATOM   127 C "C1'" . DG  A 1 7  ? 7.998   1.425   4.747   1.00 13.15 ? 7   DG  Q "C1'" 1 
ATOM   128 N N9    . DG  A 1 7  ? 6.662   1.686   4.257   1.00 10.69 ? 7   DG  Q N9    1 
ATOM   129 C C8    . DG  A 1 7  ? 5.529   1.968   4.978   1.00 8.33  ? 7   DG  Q C8    1 
ATOM   130 N N7    . DG  A 1 7  ? 4.517   2.293   4.216   1.00 9.69  ? 7   DG  Q N7    1 
ATOM   131 C C5    . DG  A 1 7  ? 5.017   2.194   2.919   1.00 8.97  ? 7   DG  Q C5    1 
ATOM   132 C C6    . DG  A 1 7  ? 4.397   2.423   1.643   1.00 9.16  ? 7   DG  Q C6    1 
ATOM   133 O O6    . DG  A 1 7  ? 3.249   2.769   1.392   1.00 9.71  ? 7   DG  Q O6    1 
ATOM   134 N N1    . DG  A 1 7  ? 5.292   2.194   0.587   1.00 8.97  ? 7   DG  Q N1    1 
ATOM   135 C C2    . DG  A 1 7  ? 6.604   1.779   0.746   1.00 10.05 ? 7   DG  Q C2    1 
ATOM   136 N N2    . DG  A 1 7  ? 7.333   1.549   -0.364  1.00 8.70  ? 7   DG  Q N2    1 
ATOM   137 N N3    . DG  A 1 7  ? 7.175   1.582   1.921   1.00 10.93 ? 7   DG  Q N3    1 
ATOM   138 C C4    . DG  A 1 7  ? 6.334   1.799   2.944   1.00 10.31 ? 7   DG  Q C4    1 
ATOM   139 P P     . DT  A 1 8  ? 9.891   5.542   5.839   1.00 14.13 ? 8   DT  Q P     1 
ATOM   140 O OP1   . DT  A 1 8  ? 11.182  5.961   6.459   1.00 14.99 ? 8   DT  Q OP1   1 
ATOM   141 O OP2   . DT  A 1 8  ? 8.621   6.175   6.247   1.00 13.68 ? 8   DT  Q OP2   1 
ATOM   142 O "O5'" . DT  A 1 8  ? 9.987   5.640   4.251   1.00 13.00 ? 8   DT  Q "O5'" 1 
ATOM   143 C "C5'" . DT  A 1 8  ? 11.101  5.026   3.584   1.00 12.06 ? 8   DT  Q "C5'" 1 
ATOM   144 C "C4'" . DT  A 1 8  ? 10.972  5.122   2.084   1.00 11.45 ? 8   DT  Q "C4'" 1 
ATOM   145 O "O4'" . DT  A 1 8  ? 9.859   4.290   1.698   1.00 11.46 ? 8   DT  Q "O4'" 1 
ATOM   146 C "C3'" . DT  A 1 8  ? 10.622  6.492   1.505   1.00 10.54 ? 8   DT  Q "C3'" 1 
ATOM   147 O "O3'" . DT  A 1 8  ? 11.737  7.301   1.215   1.00 11.51 ? 8   DT  Q "O3'" 1 
ATOM   148 C "C2'" . DT  A 1 8  ? 9.937   6.133   0.206   1.00 8.84  ? 8   DT  Q "C2'" 1 
ATOM   149 C "C1'" . DT  A 1 8  ? 9.283   4.797   0.487   1.00 10.88 ? 8   DT  Q "C1'" 1 
ATOM   150 N N1    . DT  A 1 8  ? 7.860   5.063   0.734   1.00 9.55  ? 8   DT  Q N1    1 
ATOM   151 C C2    . DT  A 1 8  ? 7.061   5.201   -0.383  1.00 10.58 ? 8   DT  Q C2    1 
ATOM   152 O O2    . DT  A 1 8  ? 7.476   5.083   -1.527  1.00 10.99 ? 8   DT  Q O2    1 
ATOM   153 N N3    . DT  A 1 8  ? 5.747   5.495   -0.120  1.00 10.27 ? 8   DT  Q N3    1 
ATOM   154 C C4    . DT  A 1 8  ? 5.160   5.678   1.115   1.00 10.62 ? 8   DT  Q C4    1 
ATOM   155 O O4    . DT  A 1 8  ? 3.953   5.955   1.181   1.00 10.73 ? 8   DT  Q O4    1 
ATOM   156 C C5    . DT  A 1 8  ? 6.051   5.530   2.251   1.00 9.91  ? 8   DT  Q C5    1 
ATOM   157 C C7    . DT  A 1 8  ? 5.506   5.761   3.626   1.00 8.93  ? 8   DT  Q C7    1 
ATOM   158 C C6    . DT  A 1 8  ? 7.342   5.210   2.007   1.00 9.42  ? 8   DT  Q C6    1 
ATOM   159 P P     . DG  A 1 9  ? 11.545  8.910   1.141   1.00 12.55 ? 9   DG  Q P     1 
ATOM   160 O OP1   . DG  A 1 9  ? 12.895  9.499   1.119   1.00 13.16 ? 9   DG  Q OP1   1 
ATOM   161 O OP2   . DG  A 1 9  ? 10.600  9.329   2.153   1.00 10.44 ? 9   DG  Q OP2   1 
ATOM   162 O "O5'" . DG  A 1 9  ? 10.956  9.090   -0.305  1.00 10.23 ? 9   DG  Q "O5'" 1 
ATOM   163 C "C5'" . DG  A 1 9  ? 11.754  8.664   -1.430  1.00 10.44 ? 9   DG  Q "C5'" 1 
ATOM   164 C "C4'" . DG  A 1 9  ? 11.040  8.926   -2.724  1.00 10.04 ? 9   DG  Q "C4'" 1 
ATOM   165 O "O4'" . DG  A 1 9  ? 9.923   8.010   -2.795  1.00 10.12 ? 9   DG  Q "O4'" 1 
ATOM   166 C "C3'" . DG  A 1 9  ? 10.400  10.299  -2.817  1.00 10.50 ? 9   DG  Q "C3'" 1 
ATOM   167 O "O3'" . DG  A 1 9  ? 11.263  11.260  -3.345  1.00 11.38 ? 9   DG  Q "O3'" 1 
ATOM   168 C "C2'" . DG  A 1 9  ? 9.274   10.060  -3.807  1.00 10.83 ? 9   DG  Q "C2'" 1 
ATOM   169 C "C1'" . DG  A 1 9  ? 8.871   8.609   -3.541  1.00 11.04 ? 9   DG  Q "C1'" 1 
ATOM   170 N N9    . DG  A 1 9  ? 7.700   8.713   -2.675  1.00 10.17 ? 9   DG  Q N9    1 
ATOM   171 C C8    . DG  A 1 9  ? 7.627   8.656   -1.304  1.00 10.81 ? 9   DG  Q C8    1 
ATOM   172 N N7    . DG  A 1 9  ? 6.411   8.826   -0.846  1.00 9.23  ? 9   DG  Q N7    1 
ATOM   173 C C5    . DG  A 1 9  ? 5.645   9.004   -1.980  1.00 9.56  ? 9   DG  Q C5    1 
ATOM   174 C C6    . DG  A 1 9  ? 4.257   9.203   -2.114  1.00 10.09 ? 9   DG  Q C6    1 
ATOM   175 O O6    . DG  A 1 9  ? 3.406   9.248   -1.218  1.00 11.75 ? 9   DG  Q O6    1 
ATOM   176 N N1    . DG  A 1 9  ? 3.881   9.345   -3.449  1.00 8.11  ? 9   DG  Q N1    1 
ATOM   177 C C2    . DG  A 1 9  ? 4.751   9.295   -4.521  1.00 8.31  ? 9   DG  Q C2    1 
ATOM   178 N N2    . DG  A 1 9  ? 4.212   9.450   -5.738  1.00 9.00  ? 9   DG  Q N2    1 
ATOM   179 N N3    . DG  A 1 9  ? 6.065   9.097   -4.401  1.00 8.67  ? 9   DG  Q N3    1 
ATOM   180 C C4    . DG  A 1 9  ? 6.429   8.953   -3.114  1.00 9.80  ? 9   DG  Q C4    1 
ATOM   181 P P     . G   A 1 10 ? 10.885  12.807  -3.218  1.00 8.77  ? 10  G   Q P     1 
ATOM   182 O OP1   . G   A 1 10 ? 12.148  13.543  -3.436  1.00 9.77  ? 10  G   Q OP1   1 
ATOM   183 O OP2   . G   A 1 10 ? 10.066  13.080  -2.036  1.00 11.52 ? 10  G   Q OP2   1 
ATOM   184 O "O5'" . G   A 1 10 ? 9.895   12.985  -4.442  1.00 9.76  ? 10  G   Q "O5'" 1 
ATOM   185 C "C5'" . G   A 1 10 ? 10.356  12.848  -5.803  1.00 10.64 ? 10  G   Q "C5'" 1 
ATOM   186 C "C4'" . G   A 1 10 ? 9.314   13.399  -6.729  1.00 9.31  ? 10  G   Q "C4'" 1 
ATOM   187 O "O4'" . G   A 1 10 ? 8.149   12.540  -6.692  1.00 9.05  ? 10  G   Q "O4'" 1 
ATOM   188 C "C3'" . G   A 1 10 ? 8.787   14.768  -6.300  1.00 9.62  ? 10  G   Q "C3'" 1 
ATOM   189 O "O3'" . G   A 1 10 ? 9.639   15.846  -6.684  1.00 10.55 ? 10  G   Q "O3'" 1 
ATOM   190 C "C2'" . G   A 1 10 ? 7.395   14.803  -6.927  1.00 9.39  ? 10  G   Q "C2'" 1 
ATOM   191 O "O2'" . G   A 1 10 ? 7.457   15.132  -8.309  1.00 9.03  ? 10  G   Q "O2'" 1 
ATOM   192 C "C1'" . G   A 1 10 ? 6.961   13.343  -6.752  1.00 9.78  ? 10  G   Q "C1'" 1 
ATOM   193 N N9    . G   A 1 10 ? 6.178   13.126  -5.538  1.00 10.23 ? 10  G   Q N9    1 
ATOM   194 C C8    . G   A 1 10 ? 6.630   12.881  -4.268  1.00 6.73  ? 10  G   Q C8    1 
ATOM   195 N N7    . G   A 1 10 ? 5.658   12.737  -3.414  1.00 7.04  ? 10  G   Q N7    1 
ATOM   196 C C5    . G   A 1 10 ? 4.503   12.910  -4.167  1.00 8.15  ? 10  G   Q C5    1 
ATOM   197 C C6    . G   A 1 10 ? 3.108   12.875  -3.787  1.00 7.80  ? 10  G   Q C6    1 
ATOM   198 O O6    . G   A 1 10 ? 2.623   12.647  -2.682  1.00 8.68  ? 10  G   Q O6    1 
ATOM   199 N N1    . G   A 1 10 ? 2.262   13.115  -4.861  1.00 7.53  ? 10  G   Q N1    1 
ATOM   200 C C2    . G   A 1 10 ? 2.686   13.332  -6.140  1.00 7.91  ? 10  G   Q C2    1 
ATOM   201 N N2    . G   A 1 10 ? 1.741   13.530  -7.073  1.00 7.43  ? 10  G   Q N2    1 
ATOM   202 N N3    . G   A 1 10 ? 3.970   13.358  -6.501  1.00 10.34 ? 10  G   Q N3    1 
ATOM   203 C C4    . G   A 1 10 ? 4.809   13.143  -5.469  1.00 8.32  ? 10  G   Q C4    1 
ATOM   204 O "O5'" . DC  B 1 1  ? -6.581  14.219  -3.477  1.00 18.41 ? 11  DC  R "O5'" 1 
ATOM   205 C "C5'" . DC  B 1 1  ? -6.856  14.977  -4.623  1.00 14.84 ? 11  DC  R "C5'" 1 
ATOM   206 C "C4'" . DC  B 1 1  ? -5.946  14.698  -5.793  1.00 14.66 ? 11  DC  R "C4'" 1 
ATOM   207 O "O4'" . DC  B 1 1  ? -4.668  15.327  -5.529  1.00 14.32 ? 11  DC  R "O4'" 1 
ATOM   208 C "C3'" . DC  B 1 1  ? -5.601  13.233  -6.057  1.00 15.65 ? 11  DC  R "C3'" 1 
ATOM   209 O "O3'" . DC  B 1 1  ? -6.433  12.577  -7.004  1.00 15.59 ? 11  DC  R "O3'" 1 
ATOM   210 C "C2'" . DC  B 1 1  ? -4.207  13.318  -6.670  1.00 14.25 ? 11  DC  R "C2'" 1 
ATOM   211 C "C1'" . DC  B 1 1  ? -3.588  14.571  -6.095  1.00 13.06 ? 11  DC  R "C1'" 1 
ATOM   212 N N1    . DC  B 1 1  ? -2.719  14.085  -4.987  1.00 12.38 ? 11  DC  R N1    1 
ATOM   213 C C2    . DC  B 1 1  ? -1.400  13.717  -5.273  1.00 10.89 ? 11  DC  R C2    1 
ATOM   214 O O2    . DC  B 1 1  ? -0.999  13.844  -6.430  1.00 10.51 ? 11  DC  R O2    1 
ATOM   215 N N3    . DC  B 1 1  ? -0.611  13.235  -4.285  1.00 10.24 ? 11  DC  R N3    1 
ATOM   216 C C4    . DC  B 1 1  ? -1.105  13.118  -3.044  1.00 12.81 ? 11  DC  R C4    1 
ATOM   217 N N4    . DC  B 1 1  ? -0.297  12.660  -2.057  1.00 13.76 ? 11  DC  R N4    1 
ATOM   218 C C5    . DC  B 1 1  ? -2.453  13.477  -2.735  1.00 11.55 ? 11  DC  R C5    1 
ATOM   219 C C6    . DC  B 1 1  ? -3.204  13.956  -3.719  1.00 11.64 ? 11  DC  R C6    1 
ATOM   220 P P     . DC  B 1 2  ? -6.608  10.976  -6.931  1.00 16.60 ? 12  DC  R P     1 
ATOM   221 O OP1   . DC  B 1 2  ? -7.597  10.586  -7.993  1.00 17.05 ? 12  DC  R OP1   1 
ATOM   222 O OP2   . DC  B 1 2  ? -6.872  10.683  -5.505  1.00 16.57 ? 12  DC  R OP2   1 
ATOM   223 O "O5'" . DC  B 1 2  ? -5.159  10.295  -7.083  1.00 18.86 ? 12  DC  R "O5'" 1 
ATOM   224 C "C5'" . DC  B 1 2  ? -4.518  10.166  -8.321  1.00 20.46 ? 12  DC  R "C5'" 1 
ATOM   225 C "C4'" . DC  B 1 2  ? -3.082  9.672   -8.174  1.00 17.89 ? 12  DC  R "C4'" 1 
ATOM   226 O "O4'" . DC  B 1 2  ? -2.340  10.515  -7.243  1.00 14.70 ? 12  DC  R "O4'" 1 
ATOM   227 C "C3'" . DC  B 1 2  ? -2.760  8.267   -7.670  1.00 15.58 ? 12  DC  R "C3'" 1 
ATOM   228 O "O3'" . DC  B 1 2  ? -2.680  7.254   -8.658  1.00 17.12 ? 12  DC  R "O3'" 1 
ATOM   229 C "C2'" . DC  B 1 2  ? -1.300  8.420   -7.278  1.00 16.11 ? 12  DC  R "C2'" 1 
ATOM   230 C "C1'" . DC  B 1 2  ? -1.063  9.896   -7.048  1.00 13.42 ? 12  DC  R "C1'" 1 
ATOM   231 N N1    . DC  B 1 2  ? -0.706  9.907   -5.609  1.00 12.65 ? 12  DC  R N1    1 
ATOM   232 C C2    . DC  B 1 2  ? 0.659   9.797   -5.299  1.00 11.98 ? 12  DC  R C2    1 
ATOM   233 O O2    . DC  B 1 2  ? 1.477   9.849   -6.233  1.00 11.71 ? 12  DC  R O2    1 
ATOM   234 N N3    . DC  B 1 2  ? 1.047   9.634   -4.004  1.00 10.98 ? 12  DC  R N3    1 
ATOM   235 C C4    . DC  B 1 2  ? 0.134   9.593   -3.038  1.00 10.13 ? 12  DC  R C4    1 
ATOM   236 N N4    . DC  B 1 2  ? 0.579   9.368   -1.787  1.00 10.10 ? 12  DC  R N4    1 
ATOM   237 C C5    . DC  B 1 2  ? -1.261  9.763   -3.309  1.00 10.65 ? 12  DC  R C5    1 
ATOM   238 C C6    . DC  B 1 2  ? -1.635  9.927   -4.601  1.00 10.22 ? 12  DC  R C6    1 
ATOM   239 P P     . DA  B 1 3  ? -2.566  5.688   -8.200  1.00 16.94 ? 13  DA  R P     1 
ATOM   240 O OP1   . DA  B 1 3  ? -3.125  4.973   -9.366  1.00 17.94 ? 13  DA  R OP1   1 
ATOM   241 O OP2   . DA  B 1 3  ? -3.069  5.406   -6.825  1.00 16.12 ? 13  DA  R OP2   1 
ATOM   242 O "O5'" . DA  B 1 3  ? -1.010  5.400   -8.187  1.00 16.73 ? 13  DA  R "O5'" 1 
ATOM   243 C "C5'" . DA  B 1 3  ? -0.238  5.760   -9.329  1.00 16.75 ? 13  DA  R "C5'" 1 
ATOM   244 C "C4'" . DA  B 1 3  ? 1.229   5.559   -9.067  1.00 16.82 ? 13  DA  R "C4'" 1 
ATOM   245 O "O4'" . DA  B 1 3  ? 1.617   6.531   -8.060  1.00 16.63 ? 13  DA  R "O4'" 1 
ATOM   246 C "C3'" . DA  B 1 3  ? 1.558   4.204   -8.445  1.00 17.38 ? 13  DA  R "C3'" 1 
ATOM   247 O "O3'" . DA  B 1 3  ? 1.965   3.189   -9.370  1.00 17.78 ? 13  DA  R "O3'" 1 
ATOM   248 C "C2'" . DA  B 1 3  ? 2.722   4.519   -7.523  1.00 17.01 ? 13  DA  R "C2'" 1 
ATOM   249 C "C1'" . DA  B 1 3  ? 2.647   5.997   -7.235  1.00 15.17 ? 13  DA  R "C1'" 1 
ATOM   250 N N9    . DA  B 1 3  ? 2.211   6.089   -5.844  1.00 12.46 ? 13  DA  R N9    1 
ATOM   251 C C8    . DA  B 1 3  ? 0.947   6.185   -5.350  1.00 10.25 ? 13  DA  R C8    1 
ATOM   252 N N7    . DA  B 1 3  ? 0.887   6.177   -4.042  1.00 9.89  ? 13  DA  R N7    1 
ATOM   253 C C5    . DA  B 1 3  ? 2.211   6.065   -3.642  1.00 10.36 ? 13  DA  R C5    1 
ATOM   254 C C6    . DA  B 1 3  ? 2.831   5.972   -2.360  1.00 9.45  ? 13  DA  R C6    1 
ATOM   255 N N6    . DA  B 1 3  ? 2.155   5.960   -1.197  1.00 9.50  ? 13  DA  R N6    1 
ATOM   256 N N1    . DA  B 1 3  ? 4.180   5.871   -2.325  1.00 9.57  ? 13  DA  R N1    1 
ATOM   257 C C2    . DA  B 1 3  ? 4.859   5.830   -3.481  1.00 9.49  ? 13  DA  R C2    1 
ATOM   258 N N3    . DA  B 1 3  ? 4.392   5.900   -4.741  1.00 12.29 ? 13  DA  R N3    1 
ATOM   259 C C4    . DA  B 1 3  ? 3.043   6.024   -4.744  1.00 11.54 ? 13  DA  R C4    1 
ATOM   260 P P     . DC  B 1 4  ? 1.722   1.647   -8.991  1.00 16.88 ? 14  DC  R P     1 
ATOM   261 O OP1   . DC  B 1 4  ? 1.840   0.885   -10.254 1.00 17.59 ? 14  DC  R OP1   1 
ATOM   262 O OP2   . DC  B 1 4  ? 0.521   1.518   -8.169  1.00 15.17 ? 14  DC  R OP2   1 
ATOM   263 O "O5'" . DC  B 1 4  ? 2.998   1.338   -8.099  1.00 12.65 ? 14  DC  R "O5'" 1 
ATOM   264 C "C5'" . DC  B 1 4  ? 4.268   1.609   -8.657  1.00 12.05 ? 14  DC  R "C5'" 1 
ATOM   265 C "C4'" . DC  B 1 4  ? 5.363   1.462   -7.640  1.00 12.19 ? 14  DC  R "C4'" 1 
ATOM   266 O "O4'" . DC  B 1 4  ? 5.178   2.485   -6.634  1.00 10.30 ? 14  DC  R "O4'" 1 
ATOM   267 C "C3'" . DC  B 1 4  ? 5.320   0.165   -6.872  1.00 12.26 ? 14  DC  R "C3'" 1 
ATOM   268 O "O3'" . DC  B 1 4  ? 6.089   -0.837  -7.492  1.00 12.50 ? 14  DC  R "O3'" 1 
ATOM   269 C "C2'" . DC  B 1 4  ? 5.955   0.549   -5.544  1.00 13.21 ? 14  DC  R "C2'" 1 
ATOM   270 C "C1'" . DC  B 1 4  ? 5.698   2.042   -5.405  1.00 11.06 ? 14  DC  R "C1'" 1 
ATOM   271 N N1    . DC  B 1 4  ? 4.667   2.251   -4.369  1.00 8.75  ? 14  DC  R N1    1 
ATOM   272 C C2    . DC  B 1 4  ? 5.096   2.316   -3.053  1.00 9.10  ? 14  DC  R C2    1 
ATOM   273 O O2    . DC  B 1 4  ? 6.307   2.250   -2.825  1.00 11.42 ? 14  DC  R O2    1 
ATOM   274 N N3    . DC  B 1 4  ? 4.199   2.444   -2.057  1.00 9.73  ? 14  DC  R N3    1 
ATOM   275 C C4    . DC  B 1 4  ? 2.893   2.511   -2.336  1.00 9.98  ? 14  DC  R C4    1 
ATOM   276 N N4    . DC  B 1 4  ? 2.053   2.613   -1.282  1.00 10.03 ? 14  DC  R N4    1 
ATOM   277 C C5    . DC  B 1 4  ? 2.402   2.477   -3.687  1.00 8.38  ? 14  DC  R C5    1 
ATOM   278 C C6    . DC  B 1 4  ? 3.328   2.349   -4.665  1.00 8.24  ? 14  DC  R C6    1 
ATOM   279 P P     . DT  B 1 5  ? 5.902   -2.363  -7.053  1.00 12.33 ? 15  DT  R P     1 
ATOM   280 O OP1   . DT  B 1 5  ? 6.484   -3.091  -8.205  1.00 13.60 ? 15  DT  R OP1   1 
ATOM   281 O OP2   . DT  B 1 5  ? 4.578   -2.724  -6.575  1.00 12.29 ? 15  DT  R OP2   1 
ATOM   282 O "O5'" . DT  B 1 5  ? 6.837   -2.463  -5.761  1.00 10.57 ? 15  DT  R "O5'" 1 
ATOM   283 C "C5'" . DT  B 1 5  ? 8.220   -2.153  -5.861  1.00 11.38 ? 15  DT  R "C5'" 1 
ATOM   284 C "C4'" . DT  B 1 5  ? 8.966   -2.600  -4.625  1.00 9.66  ? 15  DT  R "C4'" 1 
ATOM   285 O "O4'" . DT  B 1 5  ? 8.724   -1.629  -3.592  1.00 9.27  ? 15  DT  R "O4'" 1 
ATOM   286 C "C3'" . DT  B 1 5  ? 8.483   -3.924  -4.060  1.00 11.77 ? 15  DT  R "C3'" 1 
ATOM   287 O "O3'" . DT  B 1 5  ? 9.254   -5.029  -4.464  1.00 10.54 ? 15  DT  R "O3'" 1 
ATOM   288 C "C2'" . DT  B 1 5  ? 8.495   -3.751  -2.550  1.00 10.75 ? 15  DT  R "C2'" 1 
ATOM   289 C "C1'" . DT  B 1 5  ? 8.511   -2.251  -2.321  1.00 9.83  ? 15  DT  R "C1'" 1 
ATOM   290 N N1    . DT  B 1 5  ? 7.166   -1.872  -1.844  1.00 8.91  ? 15  DT  R N1    1 
ATOM   291 C C2    . DT  B 1 5  ? 6.993   -1.701  -0.483  1.00 7.69  ? 15  DT  R C2    1 
ATOM   292 O O2    . DT  B 1 5  ? 7.878   -1.862  0.306   1.00 7.80  ? 15  DT  R O2    1 
ATOM   293 N N3    . DT  B 1 5  ? 5.724   -1.346  -0.095  1.00 6.86  ? 15  DT  R N3    1 
ATOM   294 C C4    . DT  B 1 5  ? 4.623   -1.151  -0.910  1.00 8.24  ? 15  DT  R C4    1 
ATOM   295 O O4    . DT  B 1 5  ? 3.545   -0.788  -0.397  1.00 7.85  ? 15  DT  R O4    1 
ATOM   296 C C5    . DT  B 1 5  ? 4.856   -1.389  -2.336  1.00 7.93  ? 15  DT  R C5    1 
ATOM   297 C C7    . DT  B 1 5  ? 3.708   -1.287  -3.297  1.00 6.47  ? 15  DT  R C7    1 
ATOM   298 C C6    . DT  B 1 5  ? 6.099   -1.714  -2.724  1.00 8.38  ? 15  DT  R C6    1 
ATOM   299 P P     . DA  B 1 6  ? 8.508   -6.418  -4.643  1.00 11.90 ? 16  DA  R P     1 
ATOM   300 O OP1   . DA  B 1 6  ? 9.464   -7.289  -5.370  1.00 13.78 ? 16  DA  R OP1   1 
ATOM   301 O OP2   . DA  B 1 6  ? 7.164   -6.226  -5.153  1.00 14.31 ? 16  DA  R OP2   1 
ATOM   302 O "O5'" . DA  B 1 6  ? 8.356   -6.912  -3.147  1.00 14.58 ? 16  DA  R "O5'" 1 
ATOM   303 C "C5'" . DA  B 1 6  ? 7.111   -7.271  -2.602  1.00 11.83 ? 16  DA  R "C5'" 1 
ATOM   304 C "C4'" . DA  B 1 6  ? 7.318   -7.541  -1.141  1.00 12.18 ? 16  DA  R "C4'" 1 
ATOM   305 O "O4'" . DA  B 1 6  ? 7.422   -6.223  -0.534  1.00 11.07 ? 16  DA  R "O4'" 1 
ATOM   306 C "C3'" . DA  B 1 6  ? 6.140   -8.203  -0.452  1.00 12.59 ? 16  DA  R "C3'" 1 
ATOM   307 O "O3'" . DA  B 1 6  ? 6.284   -9.617  -0.313  1.00 15.98 ? 16  DA  R "O3'" 1 
ATOM   308 C "C2'" . DA  B 1 6  ? 6.109   -7.529  0.908   1.00 10.65 ? 16  DA  R "C2'" 1 
ATOM   309 C "C1'" . DA  B 1 6  ? 6.694   -6.163  0.672   1.00 10.18 ? 16  DA  R "C1'" 1 
ATOM   310 N N9    . DA  B 1 6  ? 5.521   -5.346  0.439   1.00 9.46  ? 16  DA  R N9    1 
ATOM   311 C C8    . DA  B 1 6  ? 4.999   -4.866  -0.733  1.00 9.35  ? 16  DA  R C8    1 
ATOM   312 N N7    . DA  B 1 6  ? 3.859   -4.231  -0.575  1.00 9.34  ? 16  DA  R N7    1 
ATOM   313 C C5    . DA  B 1 6  ? 3.620   -4.286  0.792   1.00 9.46  ? 16  DA  R C5    1 
ATOM   314 C C6    . DA  B 1 6  ? 2.578   -3.777  1.622   1.00 7.90  ? 16  DA  R C6    1 
ATOM   315 N N6    . DA  B 1 6  ? 1.548   -3.036  1.185   1.00 8.05  ? 16  DA  R N6    1 
ATOM   316 N N1    . DA  B 1 6  ? 2.658   -4.031  2.943   1.00 9.71  ? 16  DA  R N1    1 
ATOM   317 C C2    . DA  B 1 6  ? 3.716   -4.717  3.415   1.00 7.65  ? 16  DA  R C2    1 
ATOM   318 N N3    . DA  B 1 6  ? 4.747   -5.212  2.761   1.00 8.25  ? 16  DA  R N3    1 
ATOM   319 C C4    . DA  B 1 6  ? 4.643   -4.967  1.433   1.00 10.24 ? 16  DA  R C4    1 
ATOM   320 P P     . DG  B 1 7  ? 4.998   -10.563 -0.515  1.00 15.85 ? 17  DG  R P     1 
ATOM   321 O OP1   . DG  B 1 7  ? 5.539   -11.924 -0.531  1.00 19.66 ? 17  DG  R OP1   1 
ATOM   322 O OP2   . DG  B 1 7  ? 4.155   -10.108 -1.620  1.00 14.52 ? 17  DG  R OP2   1 
ATOM   323 O "O5'" . DG  B 1 7  ? 4.241   -10.392 0.873   1.00 13.09 ? 17  DG  R "O5'" 1 
ATOM   324 C "C5'" . DG  B 1 7  ? 4.968   -10.501 2.088   1.00 12.64 ? 17  DG  R "C5'" 1 
ATOM   325 C "C4'" . DG  B 1 7  ? 4.054   -10.154 3.241   1.00 11.80 ? 17  DG  R "C4'" 1 
ATOM   326 O "O4'" . DG  B 1 7  ? 3.934   -8.726  3.337   1.00 11.23 ? 17  DG  R "O4'" 1 
ATOM   327 C "C3'" . DG  B 1 7  ? 2.616   -10.658 3.141   1.00 11.30 ? 17  DG  R "C3'" 1 
ATOM   328 O "O3'" . DG  B 1 7  ? 2.388   -11.928 3.735   1.00 11.44 ? 17  DG  R "O3'" 1 
ATOM   329 C "C2'" . DG  B 1 7  ? 1.885   -9.682  4.033   1.00 9.52  ? 17  DG  R "C2'" 1 
ATOM   330 C "C1'" . DG  B 1 7  ? 2.690   -8.404  3.930   1.00 11.20 ? 17  DG  R "C1'" 1 
ATOM   331 N N9    . DG  B 1 7  ? 1.949   -7.597  2.974   1.00 9.77  ? 17  DG  R N9    1 
ATOM   332 C C8    . DG  B 1 7  ? 2.154   -7.476  1.624   1.00 8.72  ? 17  DG  R C8    1 
ATOM   333 N N7    . DG  B 1 7  ? 1.242   -6.759  1.042   1.00 8.68  ? 17  DG  R N7    1 
ATOM   334 C C5    . DG  B 1 7  ? 0.402   -6.354  2.073   1.00 9.60  ? 17  DG  R C5    1 
ATOM   335 C C6    . DG  B 1 7  ? -0.741  -5.508  2.069   1.00 7.80  ? 17  DG  R C6    1 
ATOM   336 O O6    . DG  B 1 7  ? -1.280  -4.916  1.109   1.00 8.73  ? 17  DG  R O6    1 
ATOM   337 N N1    . DG  B 1 7  ? -1.262  -5.353  3.346   1.00 7.86  ? 17  DG  R N1    1 
ATOM   338 C C2    . DG  B 1 7  ? -0.750  -5.938  4.495   1.00 9.22  ? 17  DG  R C2    1 
ATOM   339 N N2    . DG  B 1 7  ? -1.400  -5.693  5.663   1.00 7.82  ? 17  DG  R N2    1 
ATOM   340 N N3    . DG  B 1 7  ? 0.318   -6.707  4.507   1.00 8.42  ? 17  DG  R N3    1 
ATOM   341 C C4    . DG  B 1 7  ? 0.842   -6.860  3.274   1.00 10.02 ? 17  DG  R C4    1 
ATOM   342 P P     . DT  B 1 8  ? 1.025   -12.743 3.397   1.00 12.92 ? 18  DT  R P     1 
ATOM   343 O OP1   . DT  B 1 8  ? 1.351   -14.117 3.852   1.00 13.39 ? 18  DT  R OP1   1 
ATOM   344 O OP2   . DT  B 1 8  ? 0.506   -12.533 1.996   1.00 12.65 ? 18  DT  R OP2   1 
ATOM   345 O "O5'" . DT  B 1 8  ? -0.048  -12.100 4.372   1.00 10.46 ? 18  DT  R "O5'" 1 
ATOM   346 C "C5'" . DT  B 1 8  ? 0.178   -12.133 5.761   1.00 9.10  ? 18  DT  R "C5'" 1 
ATOM   347 C "C4'" . DT  B 1 8  ? -0.971  -11.505 6.509   1.00 8.70  ? 18  DT  R "C4'" 1 
ATOM   348 O "O4'" . DT  B 1 8  ? -0.935  -10.074 6.296   1.00 8.25  ? 18  DT  R "O4'" 1 
ATOM   349 C "C3'" . DT  B 1 8  ? -2.356  -11.923 6.037   1.00 7.99  ? 18  DT  R "C3'" 1 
ATOM   350 O "O3'" . DT  B 1 8  ? -2.878  -13.049 6.707   1.00 9.97  ? 18  DT  R "O3'" 1 
ATOM   351 C "C2'" . DT  B 1 8  ? -3.217  -10.719 6.386   1.00 7.04  ? 18  DT  R "C2'" 1 
ATOM   352 C "C1'" . DT  B 1 8  ? -2.276  -9.556  6.234   1.00 7.95  ? 18  DT  R "C1'" 1 
ATOM   353 N N1    . DT  B 1 8  ? -2.524  -9.038  4.852   1.00 7.45  ? 18  DT  R N1    1 
ATOM   354 C C2    . DT  B 1 8  ? -3.579  -8.155  4.754   1.00 8.04  ? 18  DT  R C2    1 
ATOM   355 O O2    . DT  B 1 8  ? -4.250  -7.832  5.700   1.00 8.58  ? 18  DT  R O2    1 
ATOM   356 N N3    . DT  B 1 8  ? -3.826  -7.679  3.490   1.00 8.65  ? 18  DT  R N3    1 
ATOM   357 C C4    . DT  B 1 8  ? -3.139  -8.014  2.320   1.00 7.93  ? 18  DT  R C4    1 
ATOM   358 O O4    . DT  B 1 8  ? -3.476  -7.506  1.233   1.00 8.03  ? 18  DT  R O4    1 
ATOM   359 C C5    . DT  B 1 8  ? -2.053  -8.960  2.495   1.00 5.74  ? 18  DT  R C5    1 
ATOM   360 C C7    . DT  B 1 8  ? -1.274  -9.382  1.283   1.00 7.48  ? 18  DT  R C7    1 
ATOM   361 C C6    . DT  B 1 8  ? -1.794  -9.410  3.737   1.00 5.40  ? 18  DT  R C6    1 
ATOM   362 P P     . DG  B 1 9  ? -3.966  -13.970 5.947   1.00 12.46 ? 19  DG  R P     1 
ATOM   363 O OP1   . DG  B 1 9  ? -4.045  -15.204 6.800   1.00 13.40 ? 19  DG  R OP1   1 
ATOM   364 O OP2   . DG  B 1 9  ? -3.682  -14.087 4.506   1.00 14.04 ? 19  DG  R OP2   1 
ATOM   365 O "O5'" . DG  B 1 9  ? -5.288  -13.099 6.076   1.00 11.68 ? 19  DG  R "O5'" 1 
ATOM   366 C "C5'" . DG  B 1 9  ? -5.742  -12.787 7.408   1.00 10.16 ? 19  DG  R "C5'" 1 
ATOM   367 C "C4'" . DG  B 1 9  ? -6.907  -11.834 7.394   1.00 8.55  ? 19  DG  R "C4'" 1 
ATOM   368 O "O4'" . DG  B 1 9  ? -6.410  -10.597 6.877   1.00 7.93  ? 19  DG  R "O4'" 1 
ATOM   369 C "C3'" . DG  B 1 9  ? -8.071  -12.164 6.473   1.00 10.26 ? 19  DG  R "C3'" 1 
ATOM   370 O "O3'" . DG  B 1 9  ? -9.055  -13.016 7.038   1.00 13.72 ? 19  DG  R "O3'" 1 
ATOM   371 C "C2'" . DG  B 1 9  ? -8.676  -10.790 6.261   1.00 7.92  ? 19  DG  R "C2'" 1 
ATOM   372 C "C1'" . DG  B 1 9  ? -7.447  -9.912  6.230   1.00 7.45  ? 19  DG  R "C1'" 1 
ATOM   373 N N9    . DG  B 1 9  ? -7.085  -9.786  4.821   1.00 7.95  ? 19  DG  R N9    1 
ATOM   374 C C8    . DG  B 1 9  ? -6.117  -10.463 4.112   1.00 6.50  ? 19  DG  R C8    1 
ATOM   375 N N7    . DG  B 1 9  ? -6.083  -10.125 2.854   1.00 7.11  ? 19  DG  R N7    1 
ATOM   376 C C5    . DG  B 1 9  ? -7.083  -9.167  2.728   1.00 7.69  ? 19  DG  R C5    1 
ATOM   377 C C6    . DG  B 1 9  ? -7.532  -8.429  1.587   1.00 7.31  ? 19  DG  R C6    1 
ATOM   378 O O6    . DG  B 1 9  ? -7.092  -8.465  0.433   1.00 7.64  ? 19  DG  R O6    1 
ATOM   379 N N1    . DG  B 1 9  ? -8.592  -7.582  1.904   1.00 7.20  ? 19  DG  R N1    1 
ATOM   380 C C2    . DG  B 1 9  ? -9.149  -7.454  3.172   1.00 6.74  ? 19  DG  R C2    1 
ATOM   381 N N2    . DG  B 1 9  ? -10.178 -6.592  3.325   1.00 5.76  ? 19  DG  R N2    1 
ATOM   382 N N3    . DG  B 1 9  ? -8.730  -8.130  4.231   1.00 5.91  ? 19  DG  R N3    1 
ATOM   383 C C4    . DG  B 1 9  ? -7.708  -8.954  3.937   1.00 7.23  ? 19  DG  R C4    1 
ATOM   384 P P     . G   B 1 10 ? -9.959  -13.964 6.050   1.00 14.98 ? 20  G   R P     1 
ATOM   385 O OP1   . G   B 1 10 ? -10.667 -14.880 6.966   1.00 18.35 ? 20  G   R OP1   1 
ATOM   386 O OP2   . G   B 1 10 ? -9.212  -14.529 4.845   1.00 13.60 ? 20  G   R OP2   1 
ATOM   387 O "O5'" . G   B 1 10 ? -11.019 -12.956 5.397   1.00 13.08 ? 20  G   R "O5'" 1 
ATOM   388 C "C5'" . G   B 1 10 ? -11.812 -12.094 6.197   1.00 12.39 ? 20  G   R "C5'" 1 
ATOM   389 C "C4'" . G   B 1 10 ? -12.521 -11.068 5.328   1.00 11.95 ? 20  G   R "C4'" 1 
ATOM   390 O "O4'" . G   B 1 10 ? -11.552 -10.189 4.688   1.00 10.24 ? 20  G   R "O4'" 1 
ATOM   391 C "C3'" . G   B 1 10 ? -13.337 -11.552 4.138   1.00 10.82 ? 20  G   R "C3'" 1 
ATOM   392 O "O3'" . G   B 1 10 ? -14.555 -12.182 4.538   1.00 10.96 ? 20  G   R "O3'" 1 
ATOM   393 C "C2'" . G   B 1 10 ? -13.503 -10.240 3.369   1.00 9.18  ? 20  G   R "C2'" 1 
ATOM   394 O "O2'" . G   B 1 10 ? -14.338 -9.310  4.013   1.00 7.11  ? 20  G   R "O2'" 1 
ATOM   395 C "C1'" . G   B 1 10 ? -12.102 -9.646  3.510   1.00 9.23  ? 20  G   R "C1'" 1 
ATOM   396 N N9    . G   B 1 10 ? -11.241 -9.997  2.386   1.00 9.15  ? 20  G   R N9    1 
ATOM   397 C C8    . G   B 1 10 ? -10.285 -10.976 2.345   1.00 8.92  ? 20  G   R C8    1 
ATOM   398 N N7    . G   B 1 10 ? -9.699  -11.064 1.181   1.00 7.56  ? 20  G   R N7    1 
ATOM   399 C C5    . G   B 1 10 ? -10.281 -10.057 0.413   1.00 8.52  ? 20  G   R C5    1 
ATOM   400 C C6    . G   B 1 10 ? -10.051 -9.673  -0.962  1.00 9.07  ? 20  G   R C6    1 
ATOM   401 O O6    . G   B 1 10 ? -9.210  -10.119 -1.742  1.00 9.67  ? 20  G   R O6    1 
ATOM   402 N N1    . G   B 1 10 ? -10.938 -8.677  -1.387  1.00 9.46  ? 20  G   R N1    1 
ATOM   403 C C2    . G   B 1 10 ? -11.921 -8.117  -0.587  1.00 10.57 ? 20  G   R C2    1 
ATOM   404 N N2    . G   B 1 10 ? -12.747 -7.225  -1.177  1.00 7.26  ? 20  G   R N2    1 
ATOM   405 N N3    . G   B 1 10 ? -12.099 -8.431  0.711   1.00 9.41  ? 20  G   R N3    1 
ATOM   406 C C4    . G   B 1 10 ? -11.252 -9.402  1.131   1.00 9.35  ? 20  G   R C4    1 
HETATM 407 O O     . HOH C 2 .  ? -0.542  0.480   1.227   1.00 21.89 ? 102 HOH Q O     1 
HETATM 408 O O     . HOH C 2 .  ? 0.946   2.204   2.628   1.00 21.50 ? 103 HOH Q O     1 
HETATM 409 O O     . HOH C 2 .  ? 1.344   1.498   5.426   1.00 18.15 ? 104 HOH Q O     1 
HETATM 410 O O     . HOH C 2 .  ? 7.311   -4.707  6.038   1.00 27.51 ? 109 HOH Q O     1 
HETATM 411 O O     . HOH C 2 .  ? 7.510   -5.054  8.768   1.00 22.35 ? 110 HOH Q O     1 
HETATM 412 O O     . HOH C 2 .  ? 4.099   11.565  -8.949  1.00 17.08 ? 115 HOH Q O     1 
HETATM 413 O O     . HOH C 2 .  ? 8.003   12.974  -10.375 1.00 19.50 ? 117 HOH Q O     1 
HETATM 414 O O     . HOH C 2 .  ? 7.448   12.079  -1.364  1.00 19.42 ? 118 HOH Q O     1 
HETATM 415 O O     . HOH C 2 .  ? 3.669   12.078  -0.092  1.00 17.11 ? 119 HOH Q O     1 
HETATM 416 O O     . HOH C 2 .  ? -4.806  -4.271  -2.013  1.00 30.35 ? 120 HOH Q O     1 
HETATM 417 O O     . HOH C 2 .  ? -4.591  -0.888  -0.405  1.00 45.59 ? 121 HOH Q O     1 
HETATM 418 O O     . HOH C 2 .  ? -6.860  -2.070  -1.355  1.00 28.75 ? 122 HOH Q O     1 
HETATM 419 O O     . HOH C 2 .  ? -7.097  0.902   1.743   1.00 22.77 ? 123 HOH Q O     1 
HETATM 420 O O     . HOH C 2 .  ? 0.056   1.961   7.874   1.00 29.56 ? 128 HOH Q O     1 
HETATM 421 O O     . HOH C 2 .  ? 4.028   2.299   8.429   1.00 27.04 ? 129 HOH Q O     1 
HETATM 422 O O     . HOH C 2 .  ? 2.560   3.986   5.471   1.00 50.21 ? 130 HOH Q O     1 
HETATM 423 O O     . HOH C 2 .  ? -3.296  1.340   1.385   1.00 57.97 ? 133 HOH Q O     1 
HETATM 424 O O     . HOH C 2 .  ? 6.056   9.915   -13.078 1.00 46.35 ? 134 HOH Q O     1 
HETATM 425 O O     . HOH C 2 .  ? -11.015 1.290   9.946   1.00 31.77 ? 135 HOH Q O     1 
HETATM 426 O O     . HOH C 2 .  ? 7.394   9.674   -6.812  1.00 29.78 ? 139 HOH Q O     1 
HETATM 427 O O     . HOH C 2 .  ? 11.085  13.426  0.913   1.00 29.58 ? 141 HOH Q O     1 
HETATM 428 O O     . HOH C 2 .  ? -6.343  -5.842  -4.167  1.00 28.57 ? 143 HOH Q O     1 
HETATM 429 O O     . HOH C 2 .  ? -5.586  -9.677  -5.329  1.00 42.30 ? 144 HOH Q O     1 
HETATM 430 O O     . HOH C 2 .  ? 5.766   9.527   1.793   1.00 28.50 ? 146 HOH Q O     1 
HETATM 431 O O     . HOH C 2 .  ? 7.863   8.509   3.846   1.00 38.53 ? 147 HOH Q O     1 
HETATM 432 O O     . HOH C 2 .  ? -11.982 2.487   7.253   1.00 36.37 ? 149 HOH Q O     1 
HETATM 433 O O     . HOH C 2 .  ? 4.781   4.529   7.056   1.00 49.62 ? 150 HOH Q O     1 
HETATM 434 O O     . HOH C 2 .  ? 6.528   5.914   8.359   1.00 54.04 ? 151 HOH Q O     1 
HETATM 435 O O     . HOH C 2 .  ? 6.548   10.927  -9.799  1.00 46.59 ? 157 HOH Q O     1 
HETATM 436 O O     . HOH C 2 .  ? -4.229  2.956   6.045   1.00 40.99 ? 163 HOH Q O     1 
HETATM 437 O O     . HOH C 2 .  ? 2.601   8.565   1.274   1.00 49.66 ? 164 HOH Q O     1 
HETATM 438 O O     . HOH C 2 .  ? 8.169   12.093  1.623   1.00 35.38 ? 165 HOH Q O     1 
HETATM 439 O O     . HOH C 2 .  ? 1.021   5.901   2.861   1.00 58.57 ? 168 HOH Q O     1 
HETATM 440 O O     . HOH C 2 .  ? -13.518 0.748   -6.763  1.00 33.58 ? 171 HOH Q O     1 
HETATM 441 O O     . HOH C 2 .  ? -9.298  3.838   2.763   1.00 40.56 ? 175 HOH Q O     1 
HETATM 442 O O     . HOH C 2 .  ? 4.671   1.530   13.354  1.00 39.67 ? 176 HOH Q O     1 
HETATM 443 O O     . HOH D 2 .  ? -4.742  9.910   -3.510  1.00 27.02 ? 101 HOH R O     1 
HETATM 444 O O     . HOH D 2 .  ? 0.834   -0.710  -1.063  1.00 12.42 ? 105 HOH R O     1 
HETATM 445 O O     . HOH D 2 .  ? 4.862   -4.737  -4.451  1.00 14.93 ? 106 HOH R O     1 
HETATM 446 O O     . HOH D 2 .  ? 1.129   -7.001  -2.045  1.00 32.61 ? 107 HOH R O     1 
HETATM 447 O O     . HOH D 2 .  ? 6.615   -6.610  4.158   1.00 19.87 ? 108 HOH R O     1 
HETATM 448 O O     . HOH D 2 .  ? 9.869   0.501   -5.881  1.00 9.73  ? 111 HOH R O     1 
HETATM 449 O O     . HOH D 2 .  ? 6.454   5.760   -6.745  1.00 32.80 ? 112 HOH R O     1 
HETATM 450 O O     . HOH D 2 .  ? 7.576   3.963   -8.799  1.00 21.38 ? 113 HOH R O     1 
HETATM 451 O O     . HOH D 2 .  ? 6.559   0.233   -12.198 1.00 30.74 ? 114 HOH R O     1 
HETATM 452 O O     . HOH D 2 .  ? 2.114   9.718   -8.864  1.00 22.71 ? 116 HOH R O     1 
HETATM 453 O O     . HOH D 2 .  ? -4.681  -11.307 1.083   1.00 19.16 ? 124 HOH R O     1 
HETATM 454 O O     . HOH D 2 .  ? -7.177  -12.806 0.397   1.00 27.63 ? 125 HOH R O     1 
HETATM 455 O O     . HOH D 2 .  ? -6.748  -14.613 2.624   1.00 38.55 ? 126 HOH R O     1 
HETATM 456 O O     . HOH D 2 .  ? -2.496  -13.034 2.097   1.00 28.63 ? 127 HOH R O     1 
HETATM 457 O O     . HOH D 2 .  ? -0.814  2.943   -2.254  1.00 27.43 ? 131 HOH R O     1 
HETATM 458 O O     . HOH D 2 .  ? -0.750  2.943   -5.667  1.00 43.91 ? 132 HOH R O     1 
HETATM 459 O O     . HOH D 2 .  ? 6.873   -5.942  -8.069  1.00 23.92 ? 136 HOH R O     1 
HETATM 460 O O     . HOH D 2 .  ? 7.644   -0.117  -9.962  1.00 39.53 ? 137 HOH R O     1 
HETATM 461 O O     . HOH D 2 .  ? 9.316   -2.463  -10.631 1.00 41.82 ? 138 HOH R O     1 
HETATM 462 O O     . HOH D 2 .  ? -4.917  -9.382  -1.327  1.00 37.26 ? 140 HOH R O     1 
HETATM 463 O O     . HOH D 2 .  ? -1.774  -3.174  -1.065  1.00 71.48 ? 142 HOH R O     1 
HETATM 464 O O     . HOH D 2 .  ? 10.645  -4.930  -7.487  1.00 30.57 ? 145 HOH R O     1 
HETATM 465 O O     . HOH D 2 .  ? -1.493  12.524  0.600   1.00 48.45 ? 148 HOH R O     1 
HETATM 466 O O     . HOH D 2 .  ? 3.806   -11.606 6.721   1.00 40.63 ? 152 HOH R O     1 
HETATM 467 O O     . HOH D 2 .  ? 2.040   -2.467  -7.251  1.00 44.81 ? 153 HOH R O     1 
HETATM 468 O O     . HOH D 2 .  ? 0.505   -0.987  -5.944  1.00 41.77 ? 154 HOH R O     1 
HETATM 469 O O     . HOH D 2 .  ? 1.917   2.297   -12.727 1.00 34.66 ? 155 HOH R O     1 
HETATM 470 O O     . HOH D 2 .  ? 6.322   4.049   -11.326 1.00 41.18 ? 156 HOH R O     1 
HETATM 471 O O     . HOH D 2 .  ? 3.371   8.054   -10.674 1.00 36.78 ? 158 HOH R O     1 
HETATM 472 O O     . HOH D 2 .  ? -2.636  -6.816  -1.501  1.00 31.60 ? 159 HOH R O     1 
HETATM 473 O O     . HOH D 2 .  ? 8.791   -10.203 2.737   1.00 44.40 ? 160 HOH R O     1 
HETATM 474 O O     . HOH D 2 .  ? 1.716   -4.332  -2.534  1.00 34.72 ? 161 HOH R O     1 
HETATM 475 O O     . HOH D 2 .  ? 3.867   -7.208  -3.379  1.00 68.12 ? 162 HOH R O     1 
HETATM 476 O O     . HOH D 2 .  ? -1.193  6.189   -2.746  1.00 48.39 ? 166 HOH R O     1 
HETATM 477 O O     . HOH D 2 .  ? 0.873   -11.592 -0.601  1.00 38.79 ? 167 HOH R O     1 
HETATM 478 O O     . HOH D 2 .  ? -1.166  8.293   0.193   1.00 46.69 ? 169 HOH R O     1 
HETATM 479 O O     . HOH D 2 .  ? -8.431  11.799  -3.518  1.00 41.25 ? 170 HOH R O     1 
HETATM 480 O O     . HOH D 2 .  ? -10.360 9.953   -7.570  1.00 52.13 ? 172 HOH R O     1 
HETATM 481 O O     . HOH D 2 .  ? -0.616  -0.321  -3.191  1.00 32.80 ? 173 HOH R O     1 
HETATM 482 O O     . HOH D 2 .  ? 3.279   -1.669  -10.204 1.00 59.78 ? 174 HOH R O     1 
HETATM 483 O O     . HOH D 2 .  ? 9.250   -7.881  -8.443  1.00 40.89 ? 177 HOH R O     1 
# 
